data_8Z95
#
_entry.id   8Z95
#
_cell.length_a   245.365
_cell.length_b   43.574
_cell.length_c   110.148
_cell.angle_alpha   90.00
_cell.angle_beta   111.70
_cell.angle_gamma   90.00
#
_symmetry.space_group_name_H-M   'C 1 2 1'
#
loop_
_entity.id
_entity.type
_entity.pdbx_description
1 polymer 'Heavy chain of Anti-PEG antibody h6-3 Fab fragment'
2 polymer 'Light chain of Anti-PEG antibody h6-3 Fab fragment'
3 non-polymer 2,5,8,11,14,17,20,23,26,29,32,35,38,41,44,47,50,53,56,59,62,65,68,71,74,77,80-HEPTACOSAOXADOOCTACONTAN-82-OL
4 non-polymer 'ISOPROPYL ALCOHOL'
5 water water
#
loop_
_entity_poly.entity_id
_entity_poly.type
_entity_poly.pdbx_seq_one_letter_code
_entity_poly.pdbx_strand_id
1 'polypeptide(L)'
;QVQLVQSGSELKKPGASVKVSCKASGYTFTNYGMNWVRQAPGQGLEWMGWINTYTGQPIYANDFKGRFVFSLDTSVSTAY
LQISSLKAEDTAVYYCARDWGPYWGQGTLVTVSSASTKGPSVFPLAPSSKSTSGGTAALGCLVKDYFPEPVTVSWNSGAL
TSGVHTFPAVLQSSGLYSLSSVVTVPSSSLGTQTYICNVNHKPSNTKVDKRVEPKSCDK
;
A,H
2 'polypeptide(L)'
;DIVMTQSPDSLAVSLGERATINCKSSQSVLYSSNQMNYLAWYQQKPGQPPKLLIYWASTRESGVPDRFSGSGSGTDFTLT
ISSLQAEDVAVYYCLQYLSSWTFGGGTKLEIKRTVAAPSVFIFPPSDEQLKSGTASVVCLLNNFYPREAKVQWKVDNALQ
SGNSQESVTEQDSKDSTYSLSSTLTLSKADYEKHKLYACEVTHQGLSSPVTKSFNRGEC
;
B,L
#
# COMPACT_ATOMS: atom_id res chain seq x y z
N GLN A 1 -26.17 -38.50 -20.95
CA GLN A 1 -26.54 -39.34 -22.12
C GLN A 1 -26.18 -38.56 -23.39
N VAL A 2 -26.75 -37.36 -23.51
CA VAL A 2 -26.61 -36.56 -24.71
C VAL A 2 -25.18 -36.02 -24.79
N GLN A 3 -24.62 -36.14 -25.99
CA GLN A 3 -23.23 -35.81 -26.24
C GLN A 3 -23.16 -35.16 -27.61
N LEU A 4 -22.45 -34.03 -27.74
CA LEU A 4 -22.09 -33.50 -29.05
C LEU A 4 -20.56 -33.50 -29.16
N VAL A 5 -20.00 -34.30 -30.06
CA VAL A 5 -18.55 -34.43 -30.11
C VAL A 5 -18.06 -33.93 -31.46
N GLN A 6 -17.09 -33.01 -31.43
CA GLN A 6 -16.68 -32.30 -32.64
C GLN A 6 -15.34 -32.85 -33.08
N SER A 7 -14.95 -32.56 -34.32
CA SER A 7 -13.65 -32.93 -34.86
C SER A 7 -12.53 -32.11 -34.21
N GLY A 8 -11.28 -32.46 -34.54
CA GLY A 8 -10.11 -31.93 -33.86
C GLY A 8 -9.62 -30.63 -34.52
N SER A 9 -8.66 -29.99 -33.84
CA SER A 9 -8.08 -28.74 -34.30
C SER A 9 -7.56 -28.87 -35.72
N GLU A 10 -7.50 -27.74 -36.41
CA GLU A 10 -7.12 -27.69 -37.81
C GLU A 10 -6.26 -26.46 -37.98
N LEU A 11 -5.13 -26.64 -38.66
CA LEU A 11 -4.31 -25.54 -39.14
C LEU A 11 -4.50 -25.46 -40.64
N LYS A 12 -4.93 -24.29 -41.13
CA LYS A 12 -5.21 -24.13 -42.56
C LYS A 12 -4.45 -22.92 -43.07
N LYS A 13 -4.07 -22.97 -44.34
CA LYS A 13 -3.42 -21.85 -44.98
C LYS A 13 -4.50 -20.98 -45.60
N PRO A 14 -4.33 -19.64 -45.64
CA PRO A 14 -5.28 -18.78 -46.34
C PRO A 14 -5.69 -19.34 -47.70
N GLY A 15 -6.96 -19.13 -48.05
CA GLY A 15 -7.51 -19.56 -49.34
C GLY A 15 -8.16 -20.95 -49.31
N ALA A 16 -7.70 -21.82 -48.40
CA ALA A 16 -8.21 -23.19 -48.34
C ALA A 16 -9.61 -23.23 -47.74
N SER A 17 -10.11 -24.47 -47.57
CA SER A 17 -11.41 -24.79 -47.03
C SER A 17 -11.25 -25.72 -45.83
N VAL A 18 -12.30 -25.79 -44.98
CA VAL A 18 -12.25 -26.64 -43.81
C VAL A 18 -13.65 -27.19 -43.53
N LYS A 19 -13.69 -28.36 -42.87
CA LYS A 19 -14.93 -29.05 -42.63
C LYS A 19 -14.91 -29.62 -41.22
N VAL A 20 -15.56 -28.91 -40.31
CA VAL A 20 -15.70 -29.33 -38.94
C VAL A 20 -16.93 -30.21 -38.85
N SER A 21 -16.82 -31.31 -38.10
CA SER A 21 -17.96 -32.19 -37.88
C SER A 21 -18.40 -32.08 -36.43
N CYS A 22 -19.69 -32.33 -36.21
CA CYS A 22 -20.28 -32.38 -34.89
C CYS A 22 -21.14 -33.63 -34.80
N LYS A 23 -20.68 -34.65 -34.08
CA LYS A 23 -21.42 -35.91 -34.03
C LYS A 23 -22.27 -35.95 -32.77
N ALA A 24 -23.58 -36.12 -32.93
CA ALA A 24 -24.49 -36.14 -31.82
C ALA A 24 -24.89 -37.58 -31.52
N SER A 25 -25.11 -37.84 -30.24
CA SER A 25 -25.59 -39.15 -29.82
C SER A 25 -26.48 -38.93 -28.59
N GLY A 26 -27.30 -39.94 -28.25
CA GLY A 26 -28.09 -39.91 -27.04
C GLY A 26 -29.51 -39.34 -27.25
N TYR A 27 -29.90 -39.00 -28.49
CA TYR A 27 -31.23 -38.46 -28.77
C TYR A 27 -31.51 -38.60 -30.26
N THR A 28 -32.80 -38.48 -30.61
CA THR A 28 -33.21 -38.51 -32.01
C THR A 28 -32.77 -37.23 -32.73
N PHE A 29 -31.72 -37.41 -33.53
CA PHE A 29 -30.99 -36.38 -34.22
C PHE A 29 -31.89 -35.37 -34.93
N THR A 30 -32.94 -35.88 -35.59
CA THR A 30 -33.74 -35.09 -36.50
C THR A 30 -34.90 -34.38 -35.78
N ASN A 31 -35.02 -34.53 -34.46
CA ASN A 31 -36.06 -33.87 -33.70
C ASN A 31 -35.62 -32.49 -33.18
N TYR A 32 -34.34 -32.16 -33.33
CA TYR A 32 -33.77 -30.95 -32.76
C TYR A 32 -32.86 -30.31 -33.79
N GLY A 33 -33.02 -29.00 -33.99
CA GLY A 33 -32.17 -28.25 -34.89
C GLY A 33 -30.76 -28.10 -34.33
N MET A 34 -29.82 -27.65 -35.16
CA MET A 34 -28.45 -27.52 -34.68
C MET A 34 -27.97 -26.10 -34.97
N ASN A 35 -27.30 -25.48 -33.98
CA ASN A 35 -26.73 -24.16 -34.17
C ASN A 35 -25.19 -24.25 -34.24
N TRP A 36 -24.61 -23.30 -34.97
CA TRP A 36 -23.18 -23.08 -35.03
C TRP A 36 -22.86 -21.71 -34.44
N VAL A 37 -21.75 -21.67 -33.69
CA VAL A 37 -21.37 -20.50 -32.93
C VAL A 37 -19.85 -20.37 -33.01
N ARG A 38 -19.41 -19.13 -33.21
CA ARG A 38 -18.03 -18.78 -33.47
C ARG A 38 -17.52 -17.90 -32.33
N GLN A 39 -16.32 -18.24 -31.83
CA GLN A 39 -15.65 -17.44 -30.82
C GLN A 39 -14.20 -17.20 -31.23
N ALA A 40 -13.92 -15.97 -31.69
CA ALA A 40 -12.58 -15.58 -32.04
C ALA A 40 -11.81 -15.36 -30.75
N PRO A 41 -10.47 -15.64 -30.71
CA PRO A 41 -9.73 -15.70 -29.45
C PRO A 41 -9.88 -14.40 -28.69
N GLY A 42 -10.23 -14.54 -27.40
CA GLY A 42 -10.47 -13.43 -26.49
C GLY A 42 -11.80 -12.72 -26.69
N GLN A 43 -12.65 -13.18 -27.63
CA GLN A 43 -13.83 -12.43 -28.07
C GLN A 43 -15.12 -13.07 -27.55
N GLY A 44 -16.27 -12.48 -27.89
CA GLY A 44 -17.56 -12.99 -27.45
C GLY A 44 -18.11 -14.10 -28.36
N LEU A 45 -19.11 -14.81 -27.84
CA LEU A 45 -19.89 -15.78 -28.62
C LEU A 45 -20.71 -15.09 -29.70
N GLU A 46 -20.79 -15.70 -30.88
CA GLU A 46 -21.48 -15.11 -32.01
C GLU A 46 -22.21 -16.22 -32.76
N TRP A 47 -23.54 -16.08 -32.85
CA TRP A 47 -24.37 -17.07 -33.53
C TRP A 47 -24.12 -17.03 -35.04
N MET A 48 -23.89 -18.19 -35.65
CA MET A 48 -23.58 -18.22 -37.08
C MET A 48 -24.82 -18.62 -37.89
N GLY A 49 -25.73 -19.39 -37.30
CA GLY A 49 -26.90 -19.88 -38.02
C GLY A 49 -27.34 -21.22 -37.47
N TRP A 50 -28.36 -21.77 -38.14
CA TRP A 50 -29.11 -22.92 -37.66
C TRP A 50 -29.39 -23.85 -38.83
N ILE A 51 -29.44 -25.15 -38.57
CA ILE A 51 -29.86 -26.08 -39.59
C ILE A 51 -30.98 -26.95 -39.04
N ASN A 52 -32.08 -27.00 -39.81
CA ASN A 52 -33.15 -27.97 -39.66
C ASN A 52 -32.64 -29.39 -39.94
N THR A 53 -32.55 -30.23 -38.91
CA THR A 53 -31.92 -31.52 -39.09
C THR A 53 -32.85 -32.55 -39.74
N TYR A 54 -34.10 -32.18 -40.02
CA TYR A 54 -35.02 -33.07 -40.72
C TYR A 54 -34.98 -32.75 -42.21
N THR A 55 -35.06 -31.47 -42.58
CA THR A 55 -35.15 -31.06 -43.98
C THR A 55 -33.77 -30.81 -44.59
N GLY A 56 -32.75 -30.52 -43.77
CA GLY A 56 -31.47 -30.08 -44.29
C GLY A 56 -31.39 -28.57 -44.60
N GLN A 57 -32.49 -27.81 -44.44
CA GLN A 57 -32.56 -26.39 -44.75
C GLN A 57 -31.73 -25.59 -43.74
N PRO A 58 -30.73 -24.82 -44.21
CA PRO A 58 -29.86 -24.03 -43.36
C PRO A 58 -30.29 -22.57 -43.33
N ILE A 59 -30.20 -21.93 -42.15
CA ILE A 59 -30.48 -20.50 -42.00
C ILE A 59 -29.18 -19.85 -41.50
N TYR A 60 -28.73 -18.79 -42.20
CA TYR A 60 -27.47 -18.12 -41.92
C TYR A 60 -27.72 -16.72 -41.33
N ALA A 61 -26.99 -16.40 -40.26
CA ALA A 61 -27.00 -15.04 -39.72
C ALA A 61 -26.44 -14.11 -40.78
N ASN A 62 -26.69 -12.82 -40.59
CA ASN A 62 -26.40 -11.83 -41.62
C ASN A 62 -24.91 -11.83 -41.95
N ASP A 63 -24.07 -11.98 -40.93
CA ASP A 63 -22.62 -11.87 -41.07
C ASP A 63 -21.97 -13.15 -41.59
N PHE A 64 -22.75 -14.18 -41.94
CA PHE A 64 -22.16 -15.45 -42.35
C PHE A 64 -22.83 -16.06 -43.57
N LYS A 65 -23.06 -15.24 -44.59
CA LYS A 65 -23.46 -15.81 -45.87
C LYS A 65 -22.22 -15.81 -46.75
N GLY A 66 -22.32 -16.35 -47.96
CA GLY A 66 -21.17 -16.50 -48.85
C GLY A 66 -20.35 -17.73 -48.50
N ARG A 67 -19.43 -17.60 -47.54
CA ARG A 67 -18.35 -18.57 -47.42
C ARG A 67 -18.72 -19.76 -46.55
N PHE A 68 -19.92 -19.78 -45.97
CA PHE A 68 -20.26 -20.74 -44.93
C PHE A 68 -21.44 -21.60 -45.38
N VAL A 69 -21.32 -22.93 -45.20
CA VAL A 69 -22.31 -23.90 -45.62
C VAL A 69 -22.53 -24.87 -44.46
N PHE A 70 -23.79 -25.08 -44.07
CA PHE A 70 -24.14 -26.11 -43.10
C PHE A 70 -24.72 -27.31 -43.85
N SER A 71 -24.34 -28.52 -43.45
CA SER A 71 -24.87 -29.74 -44.05
C SER A 71 -25.01 -30.82 -42.98
N LEU A 72 -25.66 -31.93 -43.35
CA LEU A 72 -25.90 -33.06 -42.46
C LEU A 72 -25.40 -34.35 -43.09
N ASP A 73 -25.09 -35.32 -42.24
CA ASP A 73 -25.13 -36.72 -42.61
C ASP A 73 -25.98 -37.45 -41.58
N THR A 74 -27.29 -37.50 -41.84
CA THR A 74 -28.26 -38.06 -40.91
C THR A 74 -27.90 -39.47 -40.51
N SER A 75 -27.20 -40.22 -41.39
CA SER A 75 -26.97 -41.63 -41.17
C SER A 75 -25.92 -41.89 -40.08
N VAL A 76 -25.10 -40.88 -39.75
CA VAL A 76 -24.25 -40.96 -38.56
C VAL A 76 -24.52 -39.76 -37.62
N SER A 77 -25.74 -39.19 -37.69
CA SER A 77 -26.17 -38.15 -36.77
C SER A 77 -25.15 -37.02 -36.66
N THR A 78 -24.69 -36.49 -37.79
CA THR A 78 -23.54 -35.60 -37.78
C THR A 78 -23.92 -34.32 -38.52
N ALA A 79 -23.56 -33.17 -37.94
CA ALA A 79 -23.73 -31.88 -38.60
C ALA A 79 -22.34 -31.40 -39.03
N TYR A 80 -22.29 -30.67 -40.14
CA TYR A 80 -21.01 -30.24 -40.68
C TYR A 80 -21.05 -28.73 -40.89
N LEU A 81 -19.90 -28.10 -40.61
CA LEU A 81 -19.64 -26.73 -40.98
C LEU A 81 -18.46 -26.71 -41.94
N GLN A 82 -18.70 -26.08 -43.10
CA GLN A 82 -17.76 -25.91 -44.19
C GLN A 82 -17.51 -24.42 -44.41
N ILE A 83 -16.27 -23.99 -44.14
CA ILE A 83 -15.87 -22.62 -44.47
C ILE A 83 -14.86 -22.69 -45.62
N SER A 84 -15.07 -21.82 -46.62
CA SER A 84 -14.23 -21.80 -47.80
C SER A 84 -13.48 -20.47 -47.86
N SER A 85 -12.42 -20.40 -48.68
CA SER A 85 -11.58 -19.20 -48.81
C SER A 85 -11.18 -18.68 -47.43
N LEU A 86 -10.56 -19.53 -46.61
CA LEU A 86 -10.20 -19.16 -45.24
C LEU A 86 -9.36 -17.89 -45.21
N LYS A 87 -9.67 -17.00 -44.26
CA LYS A 87 -8.87 -15.83 -43.93
C LYS A 87 -8.31 -15.95 -42.53
N ALA A 88 -7.31 -15.13 -42.20
CA ALA A 88 -6.68 -15.17 -40.89
C ALA A 88 -7.72 -14.91 -39.79
N GLU A 89 -8.68 -14.01 -40.05
CA GLU A 89 -9.64 -13.61 -39.04
C GLU A 89 -10.79 -14.63 -38.88
N ASP A 90 -10.79 -15.73 -39.64
CA ASP A 90 -11.65 -16.87 -39.35
C ASP A 90 -11.02 -17.75 -38.28
N THR A 91 -9.83 -17.38 -37.80
CA THR A 91 -9.23 -18.07 -36.67
C THR A 91 -10.13 -17.90 -35.45
N ALA A 92 -10.62 -19.02 -34.93
CA ALA A 92 -11.68 -19.01 -33.94
C ALA A 92 -11.95 -20.42 -33.46
N VAL A 93 -12.61 -20.52 -32.30
CA VAL A 93 -13.23 -21.76 -31.89
C VAL A 93 -14.63 -21.78 -32.49
N TYR A 94 -15.01 -22.91 -33.10
CA TYR A 94 -16.35 -23.11 -33.62
C TYR A 94 -17.01 -24.19 -32.80
N TYR A 95 -18.26 -23.92 -32.44
CA TYR A 95 -19.06 -24.77 -31.58
C TYR A 95 -20.36 -25.16 -32.29
N CYS A 96 -20.77 -26.42 -32.10
CA CYS A 96 -22.12 -26.84 -32.39
C CYS A 96 -22.92 -26.78 -31.07
N ALA A 97 -24.17 -26.35 -31.17
CA ALA A 97 -25.02 -26.19 -30.01
C ALA A 97 -26.45 -26.57 -30.41
N ARG A 98 -27.04 -27.47 -29.63
CA ARG A 98 -28.35 -28.03 -29.96
C ARG A 98 -29.44 -27.11 -29.41
N ASP A 99 -30.51 -27.00 -30.22
CA ASP A 99 -31.75 -26.39 -29.80
C ASP A 99 -32.23 -27.11 -28.55
N TRP A 100 -32.69 -26.31 -27.59
CA TRP A 100 -33.40 -26.76 -26.42
C TRP A 100 -32.46 -27.45 -25.43
N GLY A 101 -32.10 -26.71 -24.38
CA GLY A 101 -31.38 -27.26 -23.25
C GLY A 101 -29.91 -26.83 -23.26
N PRO A 102 -29.03 -27.62 -22.60
CA PRO A 102 -27.62 -27.24 -22.42
C PRO A 102 -26.52 -27.76 -23.35
N TYR A 103 -26.87 -28.35 -24.48
CA TYR A 103 -25.90 -29.20 -25.13
C TYR A 103 -25.07 -28.42 -26.14
N TRP A 104 -23.76 -28.45 -25.85
CA TRP A 104 -22.73 -27.82 -26.67
C TRP A 104 -21.67 -28.86 -26.98
N GLY A 105 -21.06 -28.72 -28.16
CA GLY A 105 -19.80 -29.37 -28.47
C GLY A 105 -18.67 -28.80 -27.61
N GLN A 106 -17.50 -29.46 -27.65
CA GLN A 106 -16.31 -29.00 -26.94
C GLN A 106 -15.63 -27.92 -27.76
N GLY A 107 -16.04 -27.79 -29.02
CA GLY A 107 -15.52 -26.77 -29.88
C GLY A 107 -14.27 -27.26 -30.60
N THR A 108 -14.05 -26.67 -31.77
CA THR A 108 -12.99 -27.01 -32.70
C THR A 108 -12.24 -25.72 -33.05
N LEU A 109 -10.93 -25.67 -32.68
CA LEU A 109 -10.08 -24.56 -33.06
C LEU A 109 -9.65 -24.69 -34.51
N VAL A 110 -9.94 -23.65 -35.31
CA VAL A 110 -9.46 -23.54 -36.67
C VAL A 110 -8.51 -22.35 -36.69
N THR A 111 -7.24 -22.58 -37.10
CA THR A 111 -6.24 -21.53 -37.19
C THR A 111 -5.89 -21.30 -38.65
N VAL A 112 -6.03 -20.07 -39.12
CA VAL A 112 -5.63 -19.75 -40.48
C VAL A 112 -4.30 -18.99 -40.44
N SER A 113 -3.24 -19.63 -41.00
CA SER A 113 -1.91 -19.05 -41.03
C SER A 113 -1.07 -19.70 -42.12
N SER A 114 -0.13 -18.92 -42.66
CA SER A 114 0.87 -19.41 -43.60
C SER A 114 1.91 -20.28 -42.89
N ALA A 115 2.27 -19.89 -41.67
CA ALA A 115 3.36 -20.52 -40.94
C ALA A 115 3.13 -22.03 -40.80
N SER A 116 4.22 -22.74 -40.47
CA SER A 116 4.25 -24.19 -40.41
C SER A 116 4.15 -24.68 -38.96
N THR A 117 3.74 -25.95 -38.81
CA THR A 117 3.78 -26.66 -37.53
C THR A 117 5.23 -26.77 -37.06
N LYS A 118 5.49 -26.32 -35.82
CA LYS A 118 6.82 -26.38 -35.24
C LYS A 118 6.71 -26.66 -33.75
N GLY A 119 7.32 -27.77 -33.31
CA GLY A 119 7.24 -28.16 -31.90
C GLY A 119 8.14 -27.29 -31.03
N PRO A 120 7.82 -27.10 -29.74
CA PRO A 120 8.61 -26.24 -28.85
C PRO A 120 9.99 -26.82 -28.52
N SER A 121 10.74 -26.03 -27.73
CA SER A 121 11.91 -26.49 -27.00
C SER A 121 11.63 -26.22 -25.53
N VAL A 122 11.95 -27.20 -24.67
CA VAL A 122 11.63 -27.03 -23.26
C VAL A 122 12.93 -26.77 -22.50
N PHE A 123 12.85 -25.83 -21.54
CA PHE A 123 14.00 -25.35 -20.80
C PHE A 123 13.62 -25.17 -19.34
N PRO A 124 14.43 -25.67 -18.38
CA PRO A 124 14.08 -25.56 -16.96
C PRO A 124 14.23 -24.12 -16.51
N LEU A 125 13.49 -23.77 -15.44
CA LEU A 125 13.74 -22.58 -14.67
C LEU A 125 14.01 -23.03 -13.23
N ALA A 126 15.27 -23.42 -12.96
CA ALA A 126 15.62 -24.17 -11.76
C ALA A 126 15.64 -23.25 -10.54
N PRO A 127 15.38 -23.78 -9.32
CA PRO A 127 15.41 -22.97 -8.10
C PRO A 127 16.82 -22.82 -7.54
N SER A 128 17.00 -21.92 -6.55
CA SER A 128 18.30 -21.69 -5.96
C SER A 128 18.15 -20.98 -4.60
N SER A 129 19.30 -20.84 -3.91
CA SER A 129 19.47 -19.84 -2.88
C SER A 129 18.32 -19.91 -1.85
N GLY A 135 11.45 -20.85 3.57
CA GLY A 135 10.00 -21.01 3.32
C GLY A 135 9.71 -21.67 1.98
N THR A 136 9.77 -20.90 0.89
CA THR A 136 9.24 -21.30 -0.41
C THR A 136 10.23 -21.02 -1.54
N ALA A 137 10.35 -21.97 -2.48
CA ALA A 137 11.20 -21.85 -3.66
C ALA A 137 10.42 -22.16 -4.93
N ALA A 138 10.42 -21.21 -5.87
CA ALA A 138 9.70 -21.35 -7.12
C ALA A 138 10.58 -22.04 -8.17
N LEU A 139 9.97 -22.87 -9.00
CA LEU A 139 10.65 -23.51 -10.11
C LEU A 139 9.64 -23.67 -11.24
N GLY A 140 10.14 -23.92 -12.46
CA GLY A 140 9.25 -23.93 -13.61
C GLY A 140 9.89 -24.55 -14.85
N CYS A 141 9.17 -24.38 -15.98
CA CYS A 141 9.61 -24.74 -17.32
C CYS A 141 9.27 -23.60 -18.29
N LEU A 142 10.13 -23.43 -19.30
CA LEU A 142 9.92 -22.50 -20.38
C LEU A 142 9.72 -23.30 -21.65
N VAL A 143 8.67 -22.97 -22.40
CA VAL A 143 8.27 -23.71 -23.58
C VAL A 143 8.31 -22.75 -24.76
N LYS A 144 9.31 -22.89 -25.62
CA LYS A 144 9.68 -21.79 -26.48
C LYS A 144 9.62 -22.20 -27.95
N ASP A 145 9.15 -21.26 -28.77
CA ASP A 145 9.21 -21.28 -30.23
C ASP A 145 8.40 -22.44 -30.79
N TYR A 146 7.12 -22.54 -30.38
CA TYR A 146 6.20 -23.51 -30.93
C TYR A 146 5.08 -22.82 -31.70
N PHE A 147 4.59 -23.47 -32.76
CA PHE A 147 3.43 -23.00 -33.51
C PHE A 147 2.60 -24.18 -34.04
N PRO A 148 1.24 -24.08 -34.11
CA PRO A 148 0.47 -23.01 -33.48
C PRO A 148 0.03 -23.39 -32.07
N GLU A 149 -0.91 -22.62 -31.52
CA GLU A 149 -1.45 -22.96 -30.21
C GLU A 149 -2.32 -24.20 -30.34
N PRO A 150 -2.63 -24.91 -29.22
CA PRO A 150 -2.04 -24.65 -27.90
C PRO A 150 -0.98 -25.67 -27.46
N VAL A 151 -0.53 -25.56 -26.21
CA VAL A 151 0.21 -26.62 -25.54
C VAL A 151 -0.36 -26.76 -24.14
N THR A 152 -0.23 -27.97 -23.59
CA THR A 152 -0.64 -28.27 -22.23
C THR A 152 0.61 -28.52 -21.36
N VAL A 153 0.41 -28.46 -20.05
CA VAL A 153 1.49 -28.67 -19.10
C VAL A 153 0.89 -29.21 -17.81
N SER A 154 1.53 -30.25 -17.24
CA SER A 154 1.22 -30.71 -15.90
C SER A 154 2.51 -30.84 -15.10
N TRP A 155 2.38 -31.12 -13.79
CA TRP A 155 3.51 -31.30 -12.92
C TRP A 155 3.40 -32.64 -12.17
N ASN A 156 4.38 -33.51 -12.45
CA ASN A 156 4.53 -34.83 -11.84
C ASN A 156 3.37 -35.72 -12.28
N SER A 157 3.22 -35.82 -13.61
CA SER A 157 2.13 -36.54 -14.27
C SER A 157 0.76 -36.14 -13.70
N GLY A 158 0.63 -34.89 -13.25
CA GLY A 158 -0.58 -34.44 -12.58
C GLY A 158 -0.74 -35.05 -11.20
N ALA A 159 0.30 -34.95 -10.36
CA ALA A 159 0.19 -35.23 -8.94
C ALA A 159 0.31 -33.91 -8.18
N LEU A 160 1.27 -33.10 -8.62
CA LEU A 160 1.37 -31.70 -8.25
C LEU A 160 0.50 -30.89 -9.22
N THR A 161 -0.68 -30.50 -8.72
CA THR A 161 -1.50 -29.49 -9.38
C THR A 161 -1.61 -28.29 -8.44
N SER A 162 -1.69 -28.57 -7.13
CA SER A 162 -1.66 -27.51 -6.15
C SER A 162 -0.46 -26.60 -6.41
N GLY A 163 -0.68 -25.29 -6.35
CA GLY A 163 0.35 -24.27 -6.50
C GLY A 163 0.77 -24.00 -7.95
N VAL A 164 0.21 -24.73 -8.93
CA VAL A 164 0.69 -24.60 -10.30
C VAL A 164 0.06 -23.38 -10.95
N HIS A 165 0.87 -22.72 -11.79
CA HIS A 165 0.45 -21.57 -12.57
C HIS A 165 1.06 -21.71 -13.97
N THR A 166 0.24 -22.09 -14.95
CA THR A 166 0.66 -22.09 -16.34
C THR A 166 0.18 -20.78 -16.98
N PHE A 167 1.06 -20.19 -17.80
CA PHE A 167 0.90 -18.82 -18.26
C PHE A 167 0.33 -18.83 -19.68
N PRO A 168 -0.50 -17.83 -20.05
CA PRO A 168 -0.90 -17.64 -21.45
C PRO A 168 0.31 -17.48 -22.35
N ALA A 169 0.26 -18.16 -23.49
CA ALA A 169 1.22 -17.99 -24.56
C ALA A 169 1.38 -16.52 -24.92
N VAL A 170 2.55 -16.18 -25.44
CA VAL A 170 2.74 -14.89 -26.08
C VAL A 170 3.25 -15.14 -27.49
N LEU A 171 2.74 -14.35 -28.43
CA LEU A 171 3.26 -14.37 -29.77
C LEU A 171 4.49 -13.47 -29.80
N GLN A 172 5.64 -14.05 -30.14
CA GLN A 172 6.88 -13.32 -30.27
C GLN A 172 6.90 -12.73 -31.68
N SER A 173 7.84 -11.82 -31.95
CA SER A 173 7.89 -11.17 -33.25
C SER A 173 8.53 -12.08 -34.30
N SER A 174 8.98 -13.28 -33.89
CA SER A 174 9.32 -14.36 -34.81
C SER A 174 8.07 -14.94 -35.49
N GLY A 175 6.89 -14.70 -34.90
CA GLY A 175 5.67 -15.37 -35.33
C GLY A 175 5.61 -16.80 -34.80
N LEU A 176 6.24 -17.02 -33.64
CA LEU A 176 6.19 -18.30 -32.95
C LEU A 176 5.78 -17.99 -31.53
N TYR A 177 5.13 -18.94 -30.89
CA TYR A 177 4.61 -18.75 -29.55
C TYR A 177 5.62 -19.22 -28.53
N SER A 178 5.32 -18.86 -27.27
CA SER A 178 6.16 -19.15 -26.13
C SER A 178 5.33 -18.99 -24.87
N LEU A 179 5.60 -19.81 -23.85
CA LEU A 179 4.95 -19.66 -22.57
C LEU A 179 5.78 -20.32 -21.48
N SER A 180 5.50 -19.92 -20.24
CA SER A 180 6.14 -20.49 -19.07
C SER A 180 5.10 -21.15 -18.17
N SER A 181 5.50 -22.24 -17.52
CA SER A 181 4.73 -22.81 -16.43
C SER A 181 5.60 -22.92 -15.18
N VAL A 182 5.03 -22.62 -14.01
CA VAL A 182 5.81 -22.57 -12.80
C VAL A 182 5.00 -23.17 -11.65
N VAL A 183 5.68 -23.33 -10.49
CA VAL A 183 5.03 -23.80 -9.27
C VAL A 183 5.94 -23.48 -8.09
N THR A 184 5.31 -23.08 -6.98
CA THR A 184 6.04 -22.77 -5.77
C THR A 184 5.88 -23.95 -4.80
N VAL A 185 7.00 -24.30 -4.15
CA VAL A 185 7.15 -25.48 -3.31
C VAL A 185 7.90 -25.09 -2.03
N PRO A 186 7.85 -25.91 -0.95
CA PRO A 186 8.78 -25.75 0.18
C PRO A 186 10.24 -25.90 -0.26
N SER A 187 11.10 -25.06 0.31
CA SER A 187 12.51 -24.99 -0.07
C SER A 187 13.34 -26.03 0.71
N SER A 188 12.67 -26.80 1.58
CA SER A 188 13.25 -28.01 2.16
C SER A 188 13.13 -29.18 1.18
N SER A 189 12.03 -29.22 0.41
CA SER A 189 11.69 -30.35 -0.43
C SER A 189 12.72 -30.57 -1.54
N LEU A 190 13.59 -29.58 -1.80
CA LEU A 190 14.26 -29.46 -3.08
C LEU A 190 15.22 -30.62 -3.33
N GLY A 191 16.09 -30.93 -2.35
CA GLY A 191 17.00 -32.06 -2.42
C GLY A 191 16.26 -33.40 -2.44
N THR A 192 15.27 -33.55 -1.55
CA THR A 192 14.56 -34.81 -1.36
C THR A 192 13.66 -35.13 -2.57
N GLN A 193 12.80 -34.17 -2.95
CA GLN A 193 11.67 -34.42 -3.84
C GLN A 193 12.04 -34.07 -5.29
N THR A 194 11.60 -34.93 -6.22
CA THR A 194 11.77 -34.73 -7.65
C THR A 194 10.58 -33.93 -8.23
N TYR A 195 10.88 -33.10 -9.23
CA TYR A 195 9.85 -32.30 -9.90
C TYR A 195 10.05 -32.35 -11.42
N ILE A 196 9.02 -32.83 -12.11
CA ILE A 196 9.01 -32.97 -13.57
C ILE A 196 7.82 -32.20 -14.14
N CYS A 197 8.07 -31.31 -15.13
CA CYS A 197 6.98 -30.71 -15.89
C CYS A 197 6.74 -31.53 -17.16
N ASN A 198 5.47 -31.96 -17.32
CA ASN A 198 4.99 -32.75 -18.45
C ASN A 198 4.35 -31.81 -19.48
N VAL A 199 4.97 -31.74 -20.67
CA VAL A 199 4.61 -30.76 -21.69
C VAL A 199 4.08 -31.49 -22.90
N ASN A 200 2.96 -31.02 -23.45
CA ASN A 200 2.42 -31.61 -24.67
C ASN A 200 1.95 -30.53 -25.64
N HIS A 201 2.38 -30.68 -26.89
CA HIS A 201 1.95 -29.92 -28.04
C HIS A 201 1.47 -30.92 -29.08
N LYS A 202 0.16 -31.17 -29.16
CA LYS A 202 -0.40 -32.17 -30.06
C LYS A 202 -0.22 -31.82 -31.54
N PRO A 203 -0.34 -30.54 -32.00
CA PRO A 203 -0.17 -30.24 -33.42
C PRO A 203 1.13 -30.74 -34.07
N SER A 204 2.20 -30.94 -33.28
CA SER A 204 3.49 -31.43 -33.79
C SER A 204 3.98 -32.71 -33.08
N ASN A 205 3.13 -33.30 -32.23
CA ASN A 205 3.44 -34.53 -31.51
C ASN A 205 4.53 -34.35 -30.44
N THR A 206 4.90 -33.11 -30.11
CA THR A 206 6.03 -32.90 -29.23
C THR A 206 5.58 -33.03 -27.77
N LYS A 207 6.11 -34.08 -27.14
CA LYS A 207 5.75 -34.53 -25.81
C LYS A 207 7.06 -34.64 -25.02
N VAL A 208 7.14 -34.06 -23.83
CA VAL A 208 8.43 -33.91 -23.17
C VAL A 208 8.23 -33.90 -21.66
N ASP A 209 9.10 -34.61 -20.93
CA ASP A 209 9.02 -34.68 -19.48
C ASP A 209 10.34 -34.22 -18.85
N LYS A 210 10.57 -32.90 -18.88
CA LYS A 210 11.84 -32.34 -18.43
C LYS A 210 11.89 -32.33 -16.91
N ARG A 211 13.06 -32.65 -16.36
CA ARG A 211 13.28 -32.64 -14.93
C ARG A 211 13.85 -31.27 -14.59
N VAL A 212 13.63 -30.82 -13.35
CA VAL A 212 14.00 -29.46 -12.96
C VAL A 212 14.61 -29.51 -11.56
N GLU A 213 15.87 -29.08 -11.44
CA GLU A 213 16.66 -29.32 -10.24
C GLU A 213 17.60 -28.15 -9.99
N PRO A 214 17.98 -27.90 -8.70
CA PRO A 214 18.85 -26.78 -8.33
C PRO A 214 20.30 -26.92 -8.82
N ASP B 1 -32.43 -9.10 -35.75
CA ASP B 1 -32.53 -7.70 -35.29
C ASP B 1 -33.01 -7.62 -33.83
N ILE B 2 -32.87 -8.68 -33.03
CA ILE B 2 -32.92 -8.47 -31.59
C ILE B 2 -31.48 -8.28 -31.10
N VAL B 3 -31.17 -7.05 -30.65
CA VAL B 3 -29.86 -6.70 -30.13
C VAL B 3 -29.91 -6.87 -28.61
N MET B 4 -28.90 -7.59 -28.09
CA MET B 4 -28.72 -7.79 -26.67
C MET B 4 -27.53 -6.93 -26.20
N THR B 5 -27.73 -6.18 -25.12
CA THR B 5 -26.67 -5.35 -24.59
C THR B 5 -26.61 -5.67 -23.09
N GLN B 6 -25.43 -6.13 -22.68
CA GLN B 6 -25.16 -6.48 -21.31
C GLN B 6 -24.41 -5.31 -20.69
N SER B 7 -24.54 -5.15 -19.37
CA SER B 7 -23.83 -4.14 -18.61
C SER B 7 -23.73 -4.59 -17.16
N PRO B 8 -22.58 -4.29 -16.49
CA PRO B 8 -21.42 -3.70 -17.16
C PRO B 8 -20.64 -4.75 -17.97
N ASP B 9 -19.60 -4.29 -18.66
CA ASP B 9 -18.78 -5.10 -19.54
C ASP B 9 -17.85 -5.97 -18.71
N SER B 10 -17.45 -5.44 -17.55
CA SER B 10 -16.72 -6.17 -16.54
C SER B 10 -17.01 -5.55 -15.18
N LEU B 11 -16.70 -6.32 -14.16
CA LEU B 11 -17.27 -6.13 -12.84
C LEU B 11 -16.36 -6.89 -11.87
N ALA B 12 -15.93 -6.24 -10.78
CA ALA B 12 -15.20 -6.90 -9.71
C ALA B 12 -16.01 -6.80 -8.42
N VAL B 13 -16.26 -7.93 -7.76
CA VAL B 13 -17.14 -8.00 -6.62
C VAL B 13 -16.42 -8.79 -5.54
N SER B 14 -16.74 -8.50 -4.28
CA SER B 14 -16.05 -9.10 -3.16
C SER B 14 -16.65 -10.47 -2.84
N LEU B 15 -15.77 -11.42 -2.57
CA LEU B 15 -16.17 -12.74 -2.11
C LEU B 15 -17.29 -12.57 -1.07
N GLY B 16 -18.41 -13.27 -1.23
CA GLY B 16 -19.50 -13.15 -0.27
C GLY B 16 -20.55 -12.09 -0.58
N GLU B 17 -20.29 -11.22 -1.57
CA GLU B 17 -21.22 -10.11 -1.85
C GLU B 17 -22.18 -10.49 -2.98
N ARG B 18 -23.08 -9.56 -3.33
CA ARG B 18 -23.99 -9.76 -4.45
C ARG B 18 -23.37 -9.27 -5.77
N ALA B 19 -23.24 -10.17 -6.75
CA ALA B 19 -22.92 -9.84 -8.14
C ALA B 19 -24.19 -9.75 -8.98
N THR B 20 -24.31 -8.68 -9.77
CA THR B 20 -25.50 -8.46 -10.58
C THR B 20 -25.03 -8.09 -11.98
N ILE B 21 -25.60 -8.79 -12.99
CA ILE B 21 -25.30 -8.51 -14.40
C ILE B 21 -26.60 -8.19 -15.11
N ASN B 22 -26.59 -7.20 -16.01
CA ASN B 22 -27.80 -6.80 -16.69
C ASN B 22 -27.72 -7.12 -18.18
N CYS B 23 -28.90 -7.44 -18.72
CA CYS B 23 -29.04 -7.76 -20.13
C CYS B 23 -30.28 -6.99 -20.60
N LYS B 24 -30.17 -6.32 -21.74
CA LYS B 24 -31.31 -5.59 -22.26
C LYS B 24 -31.49 -5.98 -23.72
N SER B 25 -32.74 -6.31 -24.11
CA SER B 25 -33.03 -6.65 -25.49
C SER B 25 -33.72 -5.47 -26.19
N SER B 26 -33.47 -5.29 -27.51
CA SER B 26 -34.04 -4.18 -28.25
C SER B 26 -35.50 -4.44 -28.60
N GLN B 27 -35.98 -5.68 -28.43
CA GLN B 27 -37.39 -6.02 -28.54
C GLN B 27 -37.70 -7.04 -27.44
N SER B 28 -38.99 -7.16 -27.11
CA SER B 28 -39.42 -8.08 -26.09
C SER B 28 -39.14 -9.51 -26.55
N VAL B 29 -38.73 -10.34 -25.60
CA VAL B 29 -38.54 -11.76 -25.81
C VAL B 29 -39.59 -12.56 -25.05
N LEU B 30 -40.63 -11.87 -24.58
CA LEU B 30 -41.81 -12.48 -23.97
C LEU B 30 -42.77 -12.87 -25.08
N TYR B 31 -43.04 -14.18 -25.17
CA TYR B 31 -43.99 -14.70 -26.14
C TYR B 31 -45.40 -14.67 -25.55
N SER B 32 -46.26 -13.94 -26.25
CA SER B 32 -47.57 -13.54 -25.76
C SER B 32 -48.38 -14.76 -25.32
N SER B 33 -48.41 -15.74 -26.20
CA SER B 33 -49.20 -16.96 -26.10
C SER B 33 -48.91 -17.76 -24.85
N ASN B 34 -47.63 -17.92 -24.49
CA ASN B 34 -47.29 -18.83 -23.42
C ASN B 34 -46.68 -18.10 -22.23
N GLN B 35 -46.55 -16.77 -22.31
CA GLN B 35 -46.05 -15.96 -21.21
C GLN B 35 -44.67 -16.44 -20.78
N MET B 36 -43.88 -16.99 -21.71
CA MET B 36 -42.51 -17.32 -21.35
C MET B 36 -41.57 -16.28 -21.94
N ASN B 37 -40.50 -15.96 -21.21
CA ASN B 37 -39.41 -15.17 -21.75
C ASN B 37 -38.33 -16.07 -22.32
N TYR B 38 -37.97 -15.85 -23.58
CA TYR B 38 -37.08 -16.73 -24.30
C TYR B 38 -35.65 -16.25 -24.09
N LEU B 39 -35.17 -16.34 -22.84
CA LEU B 39 -33.89 -15.76 -22.48
C LEU B 39 -33.11 -16.74 -21.60
N ALA B 40 -31.81 -16.87 -21.87
CA ALA B 40 -30.95 -17.80 -21.14
C ALA B 40 -29.72 -17.05 -20.65
N TRP B 41 -29.09 -17.60 -19.61
CA TRP B 41 -27.82 -17.09 -19.13
C TRP B 41 -26.79 -18.21 -19.13
N TYR B 42 -25.56 -17.87 -19.57
CA TYR B 42 -24.45 -18.81 -19.69
C TYR B 42 -23.20 -18.33 -18.94
N GLN B 43 -22.42 -19.30 -18.42
CA GLN B 43 -21.14 -19.08 -17.77
C GLN B 43 -20.07 -19.74 -18.60
N GLN B 44 -19.09 -18.97 -19.08
CA GLN B 44 -17.97 -19.55 -19.80
C GLN B 44 -16.66 -19.24 -19.07
N LYS B 45 -15.93 -20.32 -18.75
CA LYS B 45 -14.57 -20.32 -18.24
C LYS B 45 -13.62 -20.74 -19.37
N PRO B 46 -12.31 -20.40 -19.30
CA PRO B 46 -11.43 -20.52 -20.47
C PRO B 46 -11.18 -21.98 -20.89
N GLY B 47 -11.01 -22.19 -22.20
CA GLY B 47 -10.84 -23.54 -22.73
C GLY B 47 -12.14 -24.33 -22.85
N GLN B 48 -13.23 -23.84 -22.25
CA GLN B 48 -14.47 -24.58 -22.16
C GLN B 48 -15.57 -23.97 -23.05
N PRO B 49 -16.57 -24.78 -23.45
CA PRO B 49 -17.81 -24.23 -23.98
C PRO B 49 -18.60 -23.49 -22.91
N PRO B 50 -19.52 -22.57 -23.29
CA PRO B 50 -20.41 -21.97 -22.30
C PRO B 50 -21.27 -23.06 -21.70
N LYS B 51 -21.61 -22.88 -20.43
CA LYS B 51 -22.45 -23.77 -19.65
C LYS B 51 -23.71 -22.99 -19.25
N LEU B 52 -24.85 -23.62 -19.50
CA LEU B 52 -26.15 -22.99 -19.33
C LEU B 52 -26.44 -22.94 -17.84
N LEU B 53 -26.82 -21.75 -17.36
CA LEU B 53 -27.18 -21.58 -15.96
C LEU B 53 -28.68 -21.41 -15.76
N ILE B 54 -29.29 -20.55 -16.60
CA ILE B 54 -30.66 -20.10 -16.42
C ILE B 54 -31.33 -20.12 -17.79
N TYR B 55 -32.61 -20.52 -17.85
CA TYR B 55 -33.39 -20.39 -19.08
C TYR B 55 -34.83 -20.04 -18.71
N TRP B 56 -35.65 -19.72 -19.71
CA TRP B 56 -36.94 -19.09 -19.51
C TRP B 56 -36.84 -17.90 -18.54
N ALA B 57 -35.68 -17.21 -18.53
CA ALA B 57 -35.37 -16.05 -17.69
C ALA B 57 -35.07 -16.38 -16.22
N SER B 58 -35.73 -17.39 -15.63
CA SER B 58 -35.72 -17.55 -14.19
C SER B 58 -35.67 -19.02 -13.76
N THR B 59 -35.64 -19.96 -14.71
CA THR B 59 -35.57 -21.37 -14.37
C THR B 59 -34.09 -21.78 -14.33
N ARG B 60 -33.67 -22.30 -13.17
CA ARG B 60 -32.29 -22.68 -12.94
C ARG B 60 -32.02 -24.09 -13.49
N GLU B 61 -31.00 -24.23 -14.32
CA GLU B 61 -30.64 -25.52 -14.90
C GLU B 61 -30.18 -26.47 -13.78
N SER B 62 -30.51 -27.75 -13.95
CA SER B 62 -30.10 -28.80 -13.03
C SER B 62 -28.62 -28.74 -12.69
N GLY B 63 -28.32 -28.91 -11.40
CA GLY B 63 -26.95 -29.00 -10.94
C GLY B 63 -26.35 -27.63 -10.67
N VAL B 64 -27.06 -26.55 -11.07
CA VAL B 64 -26.52 -25.21 -10.88
C VAL B 64 -26.84 -24.79 -9.44
N PRO B 65 -25.87 -24.25 -8.68
CA PRO B 65 -26.12 -23.86 -7.28
C PRO B 65 -27.17 -22.76 -7.15
N ASP B 66 -27.87 -22.76 -6.00
CA ASP B 66 -28.99 -21.89 -5.66
C ASP B 66 -28.59 -20.42 -5.62
N ARG B 67 -27.29 -20.15 -5.58
CA ARG B 67 -26.86 -18.77 -5.45
C ARG B 67 -27.05 -18.05 -6.79
N PHE B 68 -27.16 -18.80 -7.89
CA PHE B 68 -27.45 -18.18 -9.18
C PHE B 68 -28.96 -18.08 -9.30
N SER B 69 -29.48 -16.88 -9.62
CA SER B 69 -30.85 -16.75 -10.05
C SER B 69 -30.94 -15.73 -11.20
N GLY B 70 -31.99 -15.87 -12.01
CA GLY B 70 -32.31 -14.96 -13.08
C GLY B 70 -33.69 -14.38 -12.81
N SER B 71 -33.88 -13.11 -13.13
CA SER B 71 -35.23 -12.55 -13.15
C SER B 71 -35.33 -11.47 -14.21
N GLY B 72 -36.48 -10.79 -14.23
CA GLY B 72 -36.82 -9.78 -15.21
C GLY B 72 -37.77 -10.31 -16.29
N SER B 73 -38.19 -9.43 -17.20
CA SER B 73 -39.23 -9.77 -18.13
C SER B 73 -39.25 -8.79 -19.29
N GLY B 74 -39.70 -9.28 -20.45
CA GLY B 74 -39.89 -8.42 -21.59
C GLY B 74 -38.56 -8.12 -22.26
N THR B 75 -37.95 -6.98 -21.86
CA THR B 75 -36.70 -6.51 -22.45
C THR B 75 -35.59 -6.26 -21.42
N ASP B 76 -35.88 -6.40 -20.13
CA ASP B 76 -34.87 -6.12 -19.11
C ASP B 76 -34.76 -7.30 -18.15
N PHE B 77 -33.52 -7.74 -17.94
CA PHE B 77 -33.23 -9.00 -17.30
C PHE B 77 -32.01 -8.83 -16.40
N THR B 78 -31.98 -9.69 -15.37
CA THR B 78 -30.91 -9.70 -14.38
C THR B 78 -30.45 -11.13 -14.08
N LEU B 79 -29.12 -11.31 -14.04
CA LEU B 79 -28.46 -12.45 -13.39
C LEU B 79 -27.86 -12.02 -12.04
N THR B 80 -28.20 -12.77 -10.98
CA THR B 80 -27.81 -12.50 -9.62
C THR B 80 -27.08 -13.73 -9.07
N ILE B 81 -25.81 -13.51 -8.70
CA ILE B 81 -25.06 -14.39 -7.82
C ILE B 81 -25.13 -13.79 -6.42
N SER B 82 -25.92 -14.42 -5.54
CA SER B 82 -26.28 -13.85 -4.24
C SER B 82 -25.08 -13.70 -3.33
N SER B 83 -24.18 -14.70 -3.34
CA SER B 83 -23.01 -14.66 -2.46
C SER B 83 -21.80 -15.22 -3.21
N LEU B 84 -20.98 -14.34 -3.76
CA LEU B 84 -20.02 -14.70 -4.79
C LEU B 84 -18.97 -15.65 -4.21
N GLN B 85 -18.51 -16.60 -5.03
CA GLN B 85 -17.49 -17.53 -4.58
C GLN B 85 -16.37 -17.58 -5.60
N ALA B 86 -15.20 -17.97 -5.14
CA ALA B 86 -13.97 -17.84 -5.89
C ALA B 86 -14.11 -18.52 -7.27
N GLU B 87 -14.87 -19.62 -7.32
CA GLU B 87 -15.06 -20.43 -8.52
C GLU B 87 -15.93 -19.73 -9.57
N ASP B 88 -16.62 -18.64 -9.19
CA ASP B 88 -17.57 -17.95 -10.07
C ASP B 88 -16.84 -17.03 -11.06
N VAL B 89 -15.52 -16.91 -10.96
CA VAL B 89 -14.79 -16.07 -11.89
C VAL B 89 -15.01 -16.65 -13.27
N ALA B 90 -15.40 -15.83 -14.24
CA ALA B 90 -15.80 -16.32 -15.55
C ALA B 90 -16.31 -15.18 -16.40
N VAL B 91 -16.63 -15.47 -17.67
CA VAL B 91 -17.41 -14.57 -18.52
C VAL B 91 -18.86 -15.09 -18.60
N TYR B 92 -19.81 -14.17 -18.41
CA TYR B 92 -21.24 -14.46 -18.44
C TYR B 92 -21.92 -13.76 -19.61
N TYR B 93 -22.76 -14.54 -20.30
CA TYR B 93 -23.44 -14.15 -21.52
C TYR B 93 -24.94 -14.36 -21.35
N CYS B 94 -25.74 -13.37 -21.79
CA CYS B 94 -27.15 -13.61 -21.99
C CYS B 94 -27.40 -14.04 -23.45
N LEU B 95 -28.52 -14.73 -23.68
CA LEU B 95 -28.90 -15.22 -25.00
C LEU B 95 -30.40 -15.06 -25.15
N GLN B 96 -30.85 -14.42 -26.23
CA GLN B 96 -32.27 -14.53 -26.59
C GLN B 96 -32.39 -15.61 -27.66
N TYR B 97 -33.48 -16.38 -27.58
CA TYR B 97 -33.71 -17.46 -28.53
C TYR B 97 -35.16 -17.44 -28.99
N LEU B 98 -35.81 -16.27 -28.90
CA LEU B 98 -37.16 -16.17 -29.39
C LEU B 98 -37.14 -16.19 -30.91
N SER B 99 -36.27 -15.37 -31.52
CA SER B 99 -36.22 -15.17 -32.96
C SER B 99 -34.76 -15.29 -33.42
N SER B 100 -34.36 -16.45 -33.92
CA SER B 100 -32.95 -16.78 -34.06
C SER B 100 -32.25 -16.69 -32.69
N TRP B 101 -30.92 -16.80 -32.67
CA TRP B 101 -30.13 -16.57 -31.46
C TRP B 101 -29.36 -15.26 -31.60
N THR B 102 -29.34 -14.46 -30.52
CA THR B 102 -28.41 -13.36 -30.33
C THR B 102 -27.82 -13.40 -28.94
N PHE B 103 -26.49 -13.47 -28.86
CA PHE B 103 -25.76 -13.45 -27.58
C PHE B 103 -25.51 -11.99 -27.21
N GLY B 104 -25.55 -11.67 -25.92
CA GLY B 104 -24.93 -10.44 -25.45
C GLY B 104 -23.41 -10.45 -25.61
N GLY B 105 -22.79 -9.28 -25.43
CA GLY B 105 -21.37 -9.08 -25.56
C GLY B 105 -20.55 -9.79 -24.47
N GLY B 106 -21.17 -10.26 -23.39
CA GLY B 106 -20.46 -10.95 -22.33
C GLY B 106 -20.04 -9.98 -21.21
N THR B 107 -19.99 -10.48 -19.97
CA THR B 107 -19.58 -9.70 -18.83
C THR B 107 -18.53 -10.48 -18.05
N LYS B 108 -17.31 -9.91 -17.97
CA LYS B 108 -16.21 -10.55 -17.24
C LYS B 108 -16.36 -10.24 -15.76
N LEU B 109 -16.54 -11.27 -14.94
CA LEU B 109 -16.68 -11.08 -13.51
C LEU B 109 -15.38 -11.52 -12.83
N GLU B 110 -14.83 -10.66 -11.97
CA GLU B 110 -13.61 -10.91 -11.23
C GLU B 110 -13.92 -10.78 -9.74
N ILE B 111 -13.02 -11.27 -8.90
CA ILE B 111 -13.18 -11.11 -7.45
C ILE B 111 -12.28 -9.98 -6.97
N LYS B 112 -12.85 -9.15 -6.08
CA LYS B 112 -12.15 -8.11 -5.36
C LYS B 112 -11.82 -8.62 -3.96
N ARG B 113 -10.53 -8.60 -3.60
CA ARG B 113 -10.03 -9.14 -2.34
C ARG B 113 -9.08 -8.10 -1.73
N THR B 114 -8.39 -8.48 -0.63
CA THR B 114 -7.40 -7.64 0.03
C THR B 114 -6.12 -7.57 -0.80
N VAL B 115 -5.39 -6.46 -0.64
CA VAL B 115 -4.11 -6.28 -1.33
C VAL B 115 -3.25 -7.50 -0.99
N ALA B 116 -2.36 -7.89 -1.92
CA ALA B 116 -1.53 -9.06 -1.72
C ALA B 116 -0.23 -8.86 -2.50
N ALA B 117 0.88 -8.90 -1.75
CA ALA B 117 2.20 -8.63 -2.30
C ALA B 117 2.63 -9.79 -3.20
N PRO B 118 3.19 -9.49 -4.39
CA PRO B 118 3.76 -10.53 -5.24
C PRO B 118 5.03 -11.14 -4.66
N SER B 119 5.22 -12.45 -4.88
CA SER B 119 6.48 -13.11 -4.60
C SER B 119 7.34 -13.09 -5.87
N VAL B 120 8.41 -12.29 -5.83
CA VAL B 120 9.26 -12.13 -7.00
C VAL B 120 10.36 -13.18 -6.98
N PHE B 121 10.59 -13.80 -8.13
CA PHE B 121 11.66 -14.75 -8.34
C PHE B 121 12.29 -14.45 -9.69
N ILE B 122 13.60 -14.73 -9.82
CA ILE B 122 14.30 -14.58 -11.08
C ILE B 122 15.00 -15.88 -11.43
N PHE B 123 15.14 -16.12 -12.73
CA PHE B 123 15.61 -17.38 -13.26
C PHE B 123 16.53 -17.08 -14.44
N PRO B 124 17.84 -17.37 -14.34
CA PRO B 124 18.76 -17.14 -15.45
C PRO B 124 18.49 -18.12 -16.58
N PRO B 125 18.92 -17.82 -17.83
CA PRO B 125 18.79 -18.77 -18.94
C PRO B 125 19.46 -20.11 -18.64
N SER B 126 18.97 -21.16 -19.31
CA SER B 126 19.55 -22.49 -19.19
C SER B 126 20.78 -22.58 -20.07
N ASP B 127 21.64 -23.55 -19.76
CA ASP B 127 22.82 -23.82 -20.56
C ASP B 127 22.37 -24.40 -21.90
N GLU B 128 21.35 -25.27 -21.85
CA GLU B 128 20.85 -25.97 -23.03
C GLU B 128 20.39 -24.99 -24.09
N GLN B 129 19.83 -23.86 -23.65
CA GLN B 129 19.29 -22.84 -24.54
C GLN B 129 20.44 -22.10 -25.19
N LEU B 130 21.36 -21.61 -24.34
CA LEU B 130 22.49 -20.80 -24.76
C LEU B 130 23.32 -21.49 -25.84
N LYS B 131 23.24 -22.83 -25.93
CA LYS B 131 23.96 -23.56 -26.95
C LYS B 131 23.43 -23.20 -28.35
N SER B 132 22.10 -23.13 -28.48
CA SER B 132 21.46 -22.67 -29.71
C SER B 132 21.56 -21.15 -29.83
N GLY B 133 21.92 -20.51 -28.72
CA GLY B 133 22.41 -19.14 -28.75
C GLY B 133 21.29 -18.11 -28.64
N THR B 134 20.42 -18.23 -27.62
CA THR B 134 19.56 -17.13 -27.22
C THR B 134 19.38 -17.17 -25.70
N ALA B 135 19.09 -16.00 -25.12
CA ALA B 135 19.01 -15.85 -23.69
C ALA B 135 17.60 -15.41 -23.30
N SER B 136 16.94 -16.23 -22.48
CA SER B 136 15.64 -15.89 -21.94
C SER B 136 15.73 -15.81 -20.44
N VAL B 137 15.69 -14.58 -19.94
CA VAL B 137 15.71 -14.35 -18.50
C VAL B 137 14.26 -14.18 -18.08
N VAL B 138 13.84 -14.95 -17.08
CA VAL B 138 12.44 -15.01 -16.70
C VAL B 138 12.28 -14.45 -15.29
N CYS B 139 11.55 -13.34 -15.18
CA CYS B 139 11.07 -12.83 -13.90
C CYS B 139 9.65 -13.34 -13.68
N LEU B 140 9.34 -13.72 -12.43
CA LEU B 140 8.04 -14.24 -12.04
C LEU B 140 7.52 -13.45 -10.85
N LEU B 141 6.31 -12.90 -10.98
CA LEU B 141 5.55 -12.39 -9.85
C LEU B 141 4.48 -13.44 -9.52
N ASN B 142 4.29 -13.73 -8.24
CA ASN B 142 3.44 -14.86 -7.88
C ASN B 142 2.46 -14.44 -6.80
N ASN B 143 1.16 -14.72 -7.05
CA ASN B 143 0.06 -14.60 -6.10
C ASN B 143 -0.12 -13.19 -5.56
N PHE B 144 -0.32 -12.22 -6.46
CA PHE B 144 -0.57 -10.86 -6.04
C PHE B 144 -2.02 -10.46 -6.33
N TYR B 145 -2.46 -9.37 -5.70
CA TYR B 145 -3.67 -8.68 -6.10
C TYR B 145 -3.53 -7.23 -5.68
N PRO B 146 -4.04 -6.24 -6.44
CA PRO B 146 -4.63 -6.44 -7.77
C PRO B 146 -3.67 -6.68 -8.93
N ARG B 147 -4.28 -6.82 -10.12
CA ARG B 147 -3.59 -7.14 -11.36
C ARG B 147 -2.44 -6.16 -11.61
N GLU B 148 -2.65 -4.87 -11.35
CA GLU B 148 -1.69 -3.82 -11.68
C GLU B 148 -0.32 -4.16 -11.09
N ALA B 149 0.70 -4.15 -11.94
CA ALA B 149 2.05 -4.40 -11.51
C ALA B 149 2.99 -3.91 -12.60
N LYS B 150 4.11 -3.30 -12.20
CA LYS B 150 5.13 -2.87 -13.13
C LYS B 150 6.35 -3.77 -12.97
N VAL B 151 6.95 -4.11 -14.10
CA VAL B 151 8.15 -4.93 -14.11
C VAL B 151 9.16 -4.26 -15.02
N GLN B 152 10.20 -3.69 -14.41
CA GLN B 152 11.29 -3.07 -15.13
C GLN B 152 12.52 -3.96 -15.05
N TRP B 153 13.14 -4.19 -16.21
CA TRP B 153 14.35 -4.99 -16.34
C TRP B 153 15.55 -4.06 -16.31
N LYS B 154 16.59 -4.49 -15.59
CA LYS B 154 17.84 -3.73 -15.47
C LYS B 154 19.01 -4.65 -15.78
N VAL B 155 19.79 -4.26 -16.79
CA VAL B 155 21.04 -4.93 -17.15
C VAL B 155 22.20 -3.99 -16.85
N ASP B 156 23.04 -4.37 -15.87
CA ASP B 156 24.08 -3.51 -15.34
C ASP B 156 23.48 -2.15 -14.96
N ASN B 157 22.26 -2.21 -14.42
CA ASN B 157 21.49 -1.05 -14.02
C ASN B 157 21.14 -0.17 -15.23
N ALA B 158 21.14 -0.74 -16.45
CA ALA B 158 20.67 -0.03 -17.62
C ALA B 158 19.24 -0.48 -17.93
N LEU B 159 18.29 0.47 -17.89
CA LEU B 159 16.87 0.14 -18.01
C LEU B 159 16.56 -0.34 -19.42
N GLN B 160 15.79 -1.43 -19.53
CA GLN B 160 15.53 -2.09 -20.80
C GLN B 160 14.20 -1.62 -21.39
N SER B 161 14.19 -1.41 -22.71
CA SER B 161 12.96 -1.13 -23.45
C SER B 161 12.89 -1.98 -24.71
N GLY B 162 11.74 -2.63 -24.90
CA GLY B 162 11.37 -3.22 -26.18
C GLY B 162 11.90 -4.64 -26.38
N ASN B 163 12.27 -5.32 -25.30
CA ASN B 163 12.87 -6.64 -25.41
C ASN B 163 12.34 -7.56 -24.31
N SER B 164 11.24 -7.16 -23.66
CA SER B 164 10.57 -8.00 -22.70
C SER B 164 9.10 -8.13 -23.10
N GLN B 165 8.54 -9.33 -22.88
CA GLN B 165 7.13 -9.59 -23.09
C GLN B 165 6.55 -10.17 -21.79
N GLU B 166 5.43 -9.59 -21.35
CA GLU B 166 4.72 -9.98 -20.15
C GLU B 166 3.54 -10.88 -20.49
N SER B 167 2.97 -11.52 -19.46
CA SER B 167 1.86 -12.43 -19.60
C SER B 167 1.29 -12.65 -18.21
N VAL B 168 -0.04 -12.67 -18.09
CA VAL B 168 -0.71 -12.77 -16.79
C VAL B 168 -1.67 -13.95 -16.82
N THR B 169 -1.60 -14.82 -15.80
CA THR B 169 -2.61 -15.86 -15.62
C THR B 169 -3.96 -15.21 -15.40
N GLU B 170 -5.01 -15.98 -15.71
CA GLU B 170 -6.37 -15.66 -15.30
C GLU B 170 -6.39 -15.65 -13.78
N GLN B 171 -7.40 -15.00 -13.20
CA GLN B 171 -7.55 -15.03 -11.76
C GLN B 171 -7.75 -16.49 -11.34
N ASP B 172 -7.10 -16.88 -10.24
CA ASP B 172 -7.11 -18.26 -9.78
C ASP B 172 -8.41 -18.51 -9.01
N SER B 173 -9.01 -19.69 -9.26
CA SER B 173 -10.38 -19.97 -8.86
C SER B 173 -10.45 -20.48 -7.41
N LYS B 174 -9.28 -20.60 -6.78
CA LYS B 174 -9.19 -21.14 -5.43
C LYS B 174 -8.87 -19.99 -4.47
N ASP B 175 -7.96 -19.07 -4.83
CA ASP B 175 -7.54 -17.99 -3.93
C ASP B 175 -7.61 -16.58 -4.53
N SER B 176 -8.06 -16.42 -5.79
CA SER B 176 -8.43 -15.12 -6.32
C SER B 176 -7.24 -14.19 -6.57
N THR B 177 -6.04 -14.73 -6.88
CA THR B 177 -4.85 -13.94 -7.17
C THR B 177 -4.43 -14.10 -8.63
N TYR B 178 -3.54 -13.22 -9.10
CA TYR B 178 -2.92 -13.35 -10.41
C TYR B 178 -1.43 -13.68 -10.27
N SER B 179 -0.83 -14.17 -11.35
CA SER B 179 0.62 -14.31 -11.44
C SER B 179 1.06 -13.76 -12.78
N LEU B 180 2.29 -13.21 -12.84
CA LEU B 180 2.75 -12.52 -14.02
C LEU B 180 4.17 -12.97 -14.36
N SER B 181 4.37 -13.39 -15.60
CA SER B 181 5.70 -13.78 -16.06
C SER B 181 6.20 -12.73 -17.04
N SER B 182 7.39 -12.18 -16.77
CA SER B 182 8.07 -11.33 -17.74
C SER B 182 9.30 -12.05 -18.26
N THR B 183 9.48 -12.04 -19.58
CA THR B 183 10.64 -12.63 -20.22
C THR B 183 11.42 -11.56 -20.97
N LEU B 184 12.69 -11.42 -20.56
CA LEU B 184 13.68 -10.63 -21.27
C LEU B 184 14.42 -11.55 -22.25
N THR B 185 14.46 -11.13 -23.52
CA THR B 185 15.04 -11.92 -24.57
C THR B 185 16.18 -11.13 -25.21
N LEU B 186 17.33 -11.82 -25.38
CA LEU B 186 18.56 -11.24 -25.91
C LEU B 186 19.31 -12.29 -26.71
N SER B 187 20.05 -11.85 -27.74
CA SER B 187 21.01 -12.73 -28.39
C SER B 187 22.02 -13.23 -27.36
N LYS B 188 22.58 -14.42 -27.60
CA LYS B 188 23.68 -14.92 -26.79
C LYS B 188 24.73 -13.83 -26.63
N ALA B 189 25.12 -13.22 -27.76
CA ALA B 189 26.04 -12.10 -27.80
C ALA B 189 25.76 -11.11 -26.68
N ASP B 190 24.59 -10.44 -26.71
CA ASP B 190 24.28 -9.34 -25.81
C ASP B 190 24.27 -9.79 -24.35
N TYR B 191 23.95 -11.06 -24.11
CA TYR B 191 23.93 -11.63 -22.77
C TYR B 191 25.36 -11.72 -22.23
N GLU B 192 26.35 -11.88 -23.11
CA GLU B 192 27.75 -11.98 -22.70
C GLU B 192 28.36 -10.58 -22.47
N LYS B 193 27.79 -9.54 -23.09
CA LYS B 193 28.32 -8.19 -22.98
C LYS B 193 27.92 -7.52 -21.66
N HIS B 194 27.31 -8.25 -20.73
CA HIS B 194 26.83 -7.64 -19.48
C HIS B 194 26.87 -8.68 -18.36
N LYS B 195 26.57 -8.25 -17.12
CA LYS B 195 26.86 -9.07 -15.95
C LYS B 195 25.66 -9.24 -15.02
N LEU B 196 25.18 -8.14 -14.42
CA LEU B 196 24.08 -8.15 -13.47
C LEU B 196 22.74 -7.99 -14.20
N TYR B 197 21.91 -9.04 -14.13
CA TYR B 197 20.55 -9.02 -14.66
C TYR B 197 19.55 -8.96 -13.51
N ALA B 198 18.71 -7.92 -13.53
CA ALA B 198 17.78 -7.63 -12.45
C ALA B 198 16.39 -7.32 -12.99
N CYS B 199 15.34 -7.72 -12.25
CA CYS B 199 13.98 -7.26 -12.49
C CYS B 199 13.43 -6.59 -11.24
N GLU B 200 12.94 -5.36 -11.41
CA GLU B 200 12.44 -4.53 -10.32
C GLU B 200 10.93 -4.37 -10.48
N VAL B 201 10.19 -4.44 -9.36
CA VAL B 201 8.75 -4.65 -9.36
C VAL B 201 8.07 -3.55 -8.54
N THR B 202 6.93 -3.05 -9.04
CA THR B 202 6.17 -2.05 -8.31
C THR B 202 4.76 -2.55 -8.08
N HIS B 203 4.22 -2.22 -6.91
CA HIS B 203 2.92 -2.71 -6.49
C HIS B 203 2.41 -1.86 -5.32
N GLN B 204 1.12 -2.01 -5.00
CA GLN B 204 0.52 -1.40 -3.84
C GLN B 204 0.80 -2.21 -2.59
N GLY B 205 0.97 -3.53 -2.75
CA GLY B 205 1.38 -4.39 -1.65
C GLY B 205 2.89 -4.28 -1.37
N LEU B 206 3.49 -3.12 -1.69
CA LEU B 206 4.90 -2.83 -1.44
C LEU B 206 5.04 -1.34 -1.14
N SER B 207 5.63 -0.98 0.02
CA SER B 207 5.88 0.41 0.35
C SER B 207 6.95 0.97 -0.59
N SER B 208 7.86 0.09 -1.03
CA SER B 208 8.83 0.42 -2.05
C SER B 208 9.22 -0.83 -2.86
N PRO B 209 9.71 -0.63 -4.11
CA PRO B 209 10.00 -1.73 -5.04
C PRO B 209 10.92 -2.84 -4.56
N VAL B 210 10.80 -4.00 -5.21
CA VAL B 210 11.54 -5.20 -4.83
C VAL B 210 12.34 -5.65 -6.04
N THR B 211 13.62 -5.96 -5.83
CA THR B 211 14.48 -6.39 -6.92
C THR B 211 14.90 -7.82 -6.67
N LYS B 212 15.15 -8.56 -7.75
CA LYS B 212 15.86 -9.82 -7.70
C LYS B 212 16.84 -9.82 -8.86
N SER B 213 18.11 -10.06 -8.55
CA SER B 213 19.16 -10.13 -9.57
C SER B 213 19.96 -11.42 -9.43
N PHE B 214 20.62 -11.80 -10.51
CA PHE B 214 21.69 -12.78 -10.49
C PHE B 214 22.88 -12.19 -11.27
N ASN B 215 24.06 -12.78 -11.09
CA ASN B 215 25.24 -12.43 -11.87
C ASN B 215 25.55 -13.57 -12.82
N ARG B 216 25.72 -13.24 -14.12
CA ARG B 216 25.87 -14.23 -15.18
C ARG B 216 26.94 -15.27 -14.84
N GLY B 217 26.55 -16.36 -14.16
CA GLY B 217 27.43 -17.49 -13.88
C GLY B 217 28.42 -17.20 -12.76
N GLN C 1 -21.07 19.31 23.50
CA GLN C 1 -21.80 18.01 23.61
C GLN C 1 -20.95 16.88 23.00
N VAL C 2 -20.36 17.14 21.83
CA VAL C 2 -19.55 16.15 21.12
C VAL C 2 -18.18 16.07 21.76
N GLN C 3 -17.75 14.84 22.09
CA GLN C 3 -16.44 14.52 22.62
C GLN C 3 -15.92 13.22 22.01
N LEU C 4 -14.61 13.20 21.75
CA LEU C 4 -13.84 12.02 21.45
C LEU C 4 -12.85 11.84 22.58
N VAL C 5 -12.96 10.70 23.29
CA VAL C 5 -12.17 10.40 24.46
C VAL C 5 -11.40 9.11 24.21
N GLN C 6 -10.09 9.20 24.31
CA GLN C 6 -9.18 8.12 23.99
C GLN C 6 -8.73 7.43 25.27
N SER C 7 -8.17 6.25 25.06
CA SER C 7 -7.61 5.48 26.15
C SER C 7 -6.32 6.16 26.58
N GLY C 8 -5.86 5.75 27.77
CA GLY C 8 -4.71 6.32 28.44
C GLY C 8 -3.39 5.87 27.80
N SER C 9 -2.32 6.54 28.23
CA SER C 9 -1.04 6.26 27.67
C SER C 9 -0.68 4.79 27.91
N GLU C 10 0.26 4.33 27.09
CA GLU C 10 0.64 2.94 26.97
C GLU C 10 2.16 2.91 26.95
N LEU C 11 2.72 1.93 27.65
CA LEU C 11 4.12 1.62 27.59
C LEU C 11 4.25 0.14 27.19
N LYS C 12 4.98 -0.16 26.11
CA LYS C 12 4.98 -1.52 25.59
C LYS C 12 6.39 -1.87 25.15
N LYS C 13 6.71 -3.17 25.24
CA LYS C 13 8.03 -3.67 24.88
C LYS C 13 8.09 -3.84 23.37
N PRO C 14 9.28 -3.73 22.73
CA PRO C 14 9.38 -3.95 21.30
C PRO C 14 8.85 -5.35 20.98
N GLY C 15 7.96 -5.44 19.99
CA GLY C 15 7.47 -6.72 19.51
C GLY C 15 6.03 -6.94 19.97
N ALA C 16 5.66 -6.22 21.04
CA ALA C 16 4.30 -6.30 21.54
C ALA C 16 3.32 -5.60 20.60
N SER C 17 2.04 -5.70 20.96
CA SER C 17 0.92 -5.09 20.27
C SER C 17 0.36 -4.00 21.15
N VAL C 18 -0.36 -3.04 20.53
CA VAL C 18 -1.09 -2.06 21.32
C VAL C 18 -2.43 -1.80 20.65
N LYS C 19 -3.46 -1.56 21.47
CA LYS C 19 -4.79 -1.23 21.00
C LYS C 19 -5.24 0.06 21.64
N VAL C 20 -5.38 1.11 20.83
CA VAL C 20 -5.80 2.42 21.30
C VAL C 20 -7.28 2.56 21.02
N SER C 21 -8.05 3.09 21.96
CA SER C 21 -9.45 3.31 21.67
C SER C 21 -9.79 4.80 21.59
N CYS C 22 -10.93 5.03 20.94
CA CYS C 22 -11.45 6.36 20.72
C CYS C 22 -12.97 6.28 20.84
N LYS C 23 -13.51 6.83 21.92
CA LYS C 23 -14.94 6.72 22.19
C LYS C 23 -15.60 8.07 21.93
N ALA C 24 -16.60 8.04 21.07
CA ALA C 24 -17.34 9.22 20.68
C ALA C 24 -18.64 9.30 21.46
N SER C 25 -19.07 10.50 21.75
CA SER C 25 -20.38 10.73 22.32
C SER C 25 -20.96 12.04 21.77
N GLY C 26 -22.28 12.19 21.89
CA GLY C 26 -23.01 13.39 21.54
C GLY C 26 -23.43 13.50 20.08
N TYR C 27 -23.32 12.44 19.28
CA TYR C 27 -23.72 12.47 17.88
C TYR C 27 -23.93 11.02 17.46
N THR C 28 -24.58 10.76 16.30
CA THR C 28 -24.69 9.39 15.81
C THR C 28 -23.37 8.93 15.22
N PHE C 29 -22.72 8.01 15.95
CA PHE C 29 -21.38 7.55 15.63
C PHE C 29 -21.23 7.15 14.16
N THR C 30 -22.19 6.41 13.62
CA THR C 30 -22.00 5.76 12.33
C THR C 30 -22.33 6.71 11.17
N ASN C 31 -22.68 7.98 11.46
CA ASN C 31 -22.89 8.99 10.43
C ASN C 31 -21.60 9.72 10.02
N TYR C 32 -20.50 9.57 10.78
CA TYR C 32 -19.26 10.28 10.48
C TYR C 32 -18.08 9.31 10.50
N GLY C 33 -17.26 9.35 9.45
CA GLY C 33 -16.07 8.51 9.41
C GLY C 33 -15.09 9.00 10.46
N MET C 34 -14.09 8.19 10.81
CA MET C 34 -13.09 8.54 11.79
C MET C 34 -11.71 8.44 11.13
N ASN C 35 -10.83 9.45 11.40
CA ASN C 35 -9.45 9.43 10.95
C ASN C 35 -8.50 9.13 12.12
N TRP C 36 -7.35 8.60 11.77
CA TRP C 36 -6.25 8.40 12.71
C TRP C 36 -5.05 9.20 12.25
N VAL C 37 -4.38 9.83 13.21
CA VAL C 37 -3.24 10.68 12.95
C VAL C 37 -2.12 10.40 13.95
N ARG C 38 -0.89 10.30 13.44
CA ARG C 38 0.29 10.08 14.27
C ARG C 38 1.11 11.36 14.37
N GLN C 39 1.62 11.65 15.58
CA GLN C 39 2.61 12.71 15.77
C GLN C 39 3.75 12.15 16.61
N ALA C 40 4.91 11.93 15.96
CA ALA C 40 6.13 11.58 16.64
C ALA C 40 6.63 12.81 17.41
N PRO C 41 7.45 12.59 18.48
CA PRO C 41 7.89 13.69 19.35
C PRO C 41 8.58 14.80 18.56
N GLY C 42 8.07 16.02 18.74
CA GLY C 42 8.47 17.23 18.02
C GLY C 42 8.34 17.15 16.49
N GLN C 43 7.53 16.24 15.93
CA GLN C 43 7.40 16.15 14.48
C GLN C 43 6.01 16.61 14.10
N GLY C 44 5.68 16.55 12.81
CA GLY C 44 4.39 17.04 12.35
C GLY C 44 3.30 15.99 12.45
N LEU C 45 2.05 16.42 12.17
CA LEU C 45 0.91 15.56 12.01
C LEU C 45 0.98 14.76 10.71
N GLU C 46 0.71 13.45 10.79
CA GLU C 46 0.64 12.60 9.61
C GLU C 46 -0.62 11.76 9.67
N TRP C 47 -1.43 11.88 8.62
CA TRP C 47 -2.63 11.08 8.50
C TRP C 47 -2.28 9.62 8.24
N MET C 48 -2.88 8.75 9.06
CA MET C 48 -2.61 7.32 9.02
C MET C 48 -3.66 6.64 8.15
N GLY C 49 -4.85 7.22 8.07
CA GLY C 49 -5.96 6.58 7.39
C GLY C 49 -7.30 6.95 7.98
N TRP C 50 -8.35 6.31 7.45
CA TRP C 50 -9.75 6.59 7.76
C TRP C 50 -10.53 5.28 7.88
N ILE C 51 -11.64 5.28 8.62
CA ILE C 51 -12.50 4.12 8.69
C ILE C 51 -13.94 4.59 8.59
N ASN C 52 -14.66 3.87 7.71
CA ASN C 52 -16.10 3.95 7.56
C ASN C 52 -16.78 3.37 8.78
N THR C 53 -17.43 4.25 9.57
CA THR C 53 -17.95 3.88 10.87
C THR C 53 -19.27 3.12 10.74
N TYR C 54 -19.83 3.07 9.53
CA TYR C 54 -21.06 2.32 9.31
C TYR C 54 -20.71 0.94 8.78
N THR C 55 -19.82 0.85 7.78
CA THR C 55 -19.53 -0.44 7.16
C THR C 55 -18.32 -1.13 7.80
N GLY C 56 -17.46 -0.40 8.53
CA GLY C 56 -16.24 -0.97 9.08
C GLY C 56 -15.05 -0.96 8.13
N GLN C 57 -15.23 -0.43 6.91
CA GLN C 57 -14.23 -0.51 5.85
C GLN C 57 -13.14 0.54 6.08
N PRO C 58 -11.88 0.08 6.26
CA PRO C 58 -10.72 0.96 6.44
C PRO C 58 -9.96 1.28 5.16
N ILE C 59 -9.37 2.49 5.14
CA ILE C 59 -8.49 3.01 4.11
C ILE C 59 -7.19 3.46 4.79
N TYR C 60 -6.07 2.90 4.36
CA TYR C 60 -4.81 3.15 5.03
C TYR C 60 -3.98 4.08 4.16
N ALA C 61 -3.29 5.04 4.78
CA ALA C 61 -2.29 5.79 4.04
C ALA C 61 -1.16 4.84 3.64
N ASN C 62 -0.38 5.29 2.65
CA ASN C 62 0.68 4.51 2.05
C ASN C 62 1.64 3.98 3.12
N ASP C 63 2.03 4.85 4.06
CA ASP C 63 3.04 4.52 5.06
C ASP C 63 2.50 3.65 6.21
N PHE C 64 1.23 3.22 6.15
CA PHE C 64 0.62 2.47 7.24
C PHE C 64 -0.05 1.23 6.69
N LYS C 65 0.78 0.38 6.10
CA LYS C 65 0.33 -0.89 5.56
C LYS C 65 0.95 -1.97 6.43
N GLY C 66 0.12 -2.88 6.94
CA GLY C 66 0.60 -4.15 7.48
C GLY C 66 0.44 -4.23 8.99
N ARG C 67 1.21 -3.42 9.71
CA ARG C 67 1.19 -3.52 11.16
C ARG C 67 0.02 -2.74 11.78
N PHE C 68 -0.70 -1.91 10.99
CA PHE C 68 -1.75 -1.04 11.54
C PHE C 68 -3.14 -1.49 11.11
N VAL C 69 -4.04 -1.67 12.10
CA VAL C 69 -5.38 -2.15 11.81
C VAL C 69 -6.38 -1.20 12.48
N PHE C 70 -7.34 -0.70 11.69
CA PHE C 70 -8.45 0.05 12.27
C PHE C 70 -9.65 -0.90 12.42
N SER C 71 -10.43 -0.74 13.49
CA SER C 71 -11.67 -1.49 13.62
C SER C 71 -12.64 -0.68 14.47
N LEU C 72 -13.84 -1.23 14.70
CA LEU C 72 -14.99 -0.57 15.28
C LEU C 72 -15.61 -1.48 16.35
N ASP C 73 -16.25 -0.89 17.37
CA ASP C 73 -17.33 -1.50 18.12
C ASP C 73 -18.46 -0.47 18.22
N THR C 74 -19.44 -0.59 17.33
CA THR C 74 -20.48 0.42 17.22
C THR C 74 -21.40 0.34 18.46
N SER C 75 -21.43 -0.79 19.17
CA SER C 75 -22.25 -0.96 20.36
C SER C 75 -21.76 -0.03 21.48
N VAL C 76 -20.50 0.42 21.43
CA VAL C 76 -20.00 1.39 22.40
C VAL C 76 -19.40 2.62 21.68
N SER C 77 -19.86 2.89 20.45
CA SER C 77 -19.47 4.09 19.72
C SER C 77 -17.95 4.30 19.75
N THR C 78 -17.19 3.24 19.50
CA THR C 78 -15.76 3.30 19.69
C THR C 78 -15.03 2.87 18.41
N ALA C 79 -13.94 3.59 18.08
CA ALA C 79 -13.03 3.21 17.02
C ALA C 79 -11.74 2.76 17.67
N TYR C 80 -11.08 1.79 17.08
CA TYR C 80 -9.86 1.28 17.68
C TYR C 80 -8.72 1.36 16.68
N LEU C 81 -7.52 1.62 17.20
CA LEU C 81 -6.30 1.53 16.44
C LEU C 81 -5.41 0.45 17.06
N GLN C 82 -5.02 -0.55 16.26
CA GLN C 82 -4.14 -1.61 16.72
C GLN C 82 -2.87 -1.54 15.89
N ILE C 83 -1.73 -1.53 16.58
CA ILE C 83 -0.41 -1.61 15.97
C ILE C 83 0.27 -2.86 16.51
N SER C 84 0.83 -3.67 15.63
CA SER C 84 1.52 -4.89 16.03
C SER C 84 3.02 -4.75 15.74
N SER C 85 3.84 -5.61 16.37
CA SER C 85 5.28 -5.63 16.14
C SER C 85 5.90 -4.25 16.35
N LEU C 86 5.65 -3.66 17.53
CA LEU C 86 6.05 -2.29 17.82
C LEU C 86 7.57 -2.18 17.77
N LYS C 87 8.06 -1.08 17.20
CA LYS C 87 9.45 -0.66 17.27
C LYS C 87 9.61 0.64 18.07
N ALA C 88 10.86 1.02 18.36
CA ALA C 88 11.18 2.26 19.04
C ALA C 88 10.53 3.48 18.37
N GLU C 89 10.51 3.49 17.03
CA GLU C 89 10.10 4.65 16.27
C GLU C 89 8.58 4.70 16.11
N ASP C 90 7.83 3.74 16.69
CA ASP C 90 6.39 3.88 16.86
C ASP C 90 6.06 4.71 18.11
N THR C 91 7.09 5.16 18.86
CA THR C 91 6.84 6.03 20.01
C THR C 91 6.28 7.36 19.48
N ALA C 92 5.03 7.67 19.81
CA ALA C 92 4.36 8.79 19.20
C ALA C 92 3.07 9.01 19.96
N VAL C 93 2.46 10.17 19.73
CA VAL C 93 1.07 10.38 20.14
C VAL C 93 0.18 10.03 18.96
N TYR C 94 -0.92 9.32 19.22
CA TYR C 94 -1.90 8.92 18.23
C TYR C 94 -3.22 9.60 18.55
N TYR C 95 -3.83 10.22 17.54
CA TYR C 95 -5.09 10.93 17.69
C TYR C 95 -6.16 10.30 16.83
N CYS C 96 -7.39 10.26 17.34
CA CYS C 96 -8.52 10.07 16.45
C CYS C 96 -9.07 11.44 16.15
N ALA C 97 -9.63 11.60 14.97
CA ALA C 97 -10.16 12.87 14.48
C ALA C 97 -11.36 12.61 13.58
N ARG C 98 -12.53 13.11 13.97
CA ARG C 98 -13.77 12.87 13.25
C ARG C 98 -13.87 13.73 11.98
N ASP C 99 -14.43 13.12 10.92
CA ASP C 99 -14.79 13.87 9.73
C ASP C 99 -15.75 14.99 10.11
N TRP C 100 -15.52 16.16 9.53
CA TRP C 100 -16.44 17.30 9.52
C TRP C 100 -16.43 17.98 10.87
N GLY C 101 -15.71 19.10 10.90
CA GLY C 101 -15.66 19.98 12.03
C GLY C 101 -14.34 19.93 12.78
N PRO C 102 -14.41 20.27 14.08
CA PRO C 102 -13.22 20.44 14.91
C PRO C 102 -12.83 19.34 15.89
N TYR C 103 -13.41 18.15 15.78
CA TYR C 103 -13.35 17.21 16.88
C TYR C 103 -12.20 16.24 16.74
N TRP C 104 -11.34 16.31 17.77
CA TRP C 104 -10.16 15.51 17.94
C TRP C 104 -10.20 14.85 19.32
N GLY C 105 -9.66 13.63 19.39
CA GLY C 105 -9.32 13.04 20.67
C GLY C 105 -8.19 13.82 21.33
N GLN C 106 -7.95 13.54 22.62
CA GLN C 106 -6.94 14.22 23.41
C GLN C 106 -5.54 13.67 23.10
N GLY C 107 -5.46 12.59 22.31
CA GLY C 107 -4.22 11.95 21.97
C GLY C 107 -3.85 10.85 22.96
N THR C 108 -3.24 9.77 22.47
CA THR C 108 -2.72 8.69 23.32
C THR C 108 -1.23 8.51 23.04
N LEU C 109 -0.39 8.71 24.06
CA LEU C 109 1.03 8.45 23.97
C LEU C 109 1.26 6.95 24.05
N VAL C 110 1.89 6.38 23.01
CA VAL C 110 2.45 5.05 23.06
C VAL C 110 3.97 5.20 23.08
N THR C 111 4.57 4.68 24.16
CA THR C 111 6.02 4.62 24.32
C THR C 111 6.46 3.17 24.17
N VAL C 112 7.41 2.93 23.28
CA VAL C 112 7.88 1.58 23.03
C VAL C 112 9.27 1.49 23.64
N SER C 113 9.37 0.68 24.71
CA SER C 113 10.58 0.62 25.51
C SER C 113 10.59 -0.66 26.35
N SER C 114 11.80 -1.18 26.59
CA SER C 114 11.97 -2.32 27.48
C SER C 114 12.38 -1.87 28.89
N ALA C 115 12.53 -0.55 29.14
CA ALA C 115 12.99 -0.04 30.42
C ALA C 115 11.96 -0.27 31.52
N SER C 116 12.42 -0.25 32.78
CA SER C 116 11.58 -0.42 33.96
C SER C 116 11.54 0.88 34.77
N THR C 117 10.45 1.07 35.51
CA THR C 117 10.30 2.24 36.39
C THR C 117 11.52 2.39 37.29
N LYS C 118 12.05 3.61 37.37
CA LYS C 118 13.28 3.86 38.11
C LYS C 118 13.36 5.35 38.43
N GLY C 119 13.50 5.68 39.72
CA GLY C 119 13.72 7.04 40.17
C GLY C 119 15.08 7.58 39.73
N PRO C 120 15.25 8.91 39.59
CA PRO C 120 16.52 9.51 39.15
C PRO C 120 17.56 9.70 40.25
N SER C 121 18.83 9.91 39.83
CA SER C 121 19.87 10.49 40.67
C SER C 121 19.93 12.00 40.41
N VAL C 122 20.06 12.81 41.48
CA VAL C 122 20.16 14.25 41.34
C VAL C 122 21.57 14.66 41.74
N PHE C 123 22.26 15.35 40.83
CA PHE C 123 23.64 15.77 41.05
C PHE C 123 23.71 17.28 40.92
N PRO C 124 24.56 17.98 41.72
CA PRO C 124 24.61 19.44 41.68
C PRO C 124 25.37 19.88 40.43
N LEU C 125 24.96 21.03 39.86
CA LEU C 125 25.75 21.80 38.91
C LEU C 125 26.20 23.07 39.64
N ALA C 126 27.41 23.02 40.19
CA ALA C 126 27.85 23.99 41.19
C ALA C 126 28.32 25.27 40.50
N PRO C 127 27.92 26.46 41.03
CA PRO C 127 28.37 27.72 40.46
C PRO C 127 29.88 27.83 40.60
N SER C 128 30.53 28.46 39.62
CA SER C 128 31.99 28.61 39.64
C SER C 128 32.35 29.92 40.35
N SER C 129 33.45 29.87 41.09
CA SER C 129 34.01 31.06 41.74
C SER C 129 34.43 32.06 40.67
N LYS C 130 34.99 31.52 39.57
CA LYS C 130 35.53 32.28 38.46
C LYS C 130 34.57 33.42 38.12
N SER C 131 34.86 34.62 38.66
CA SER C 131 33.96 35.76 38.62
C SER C 131 32.60 35.36 39.18
N GLY C 135 28.46 39.95 37.59
CA GLY C 135 27.12 40.23 38.14
C GLY C 135 26.26 38.96 38.28
N THR C 136 26.28 38.09 37.26
CA THR C 136 25.38 36.94 37.17
C THR C 136 26.13 35.60 37.17
N ALA C 137 25.80 34.74 38.14
CA ALA C 137 26.32 33.38 38.18
C ALA C 137 25.24 32.44 37.66
N ALA C 138 25.62 31.20 37.33
CA ALA C 138 24.64 30.19 36.97
C ALA C 138 24.89 28.94 37.79
N LEU C 139 23.81 28.27 38.20
CA LEU C 139 23.96 27.01 38.88
C LEU C 139 22.80 26.13 38.46
N GLY C 140 22.80 24.85 38.87
CA GLY C 140 21.68 23.99 38.56
C GLY C 140 21.76 22.62 39.22
N CYS C 141 20.85 21.73 38.77
CA CYS C 141 20.77 20.34 39.15
C CYS C 141 20.68 19.50 37.87
N LEU C 142 21.28 18.31 37.93
CA LEU C 142 21.31 17.37 36.82
C LEU C 142 20.57 16.11 37.25
N VAL C 143 19.52 15.76 36.50
CA VAL C 143 18.59 14.73 36.91
C VAL C 143 18.69 13.56 35.95
N LYS C 144 19.26 12.44 36.41
CA LYS C 144 19.81 11.45 35.51
C LYS C 144 19.18 10.08 35.77
N ASP C 145 18.95 9.34 34.66
CA ASP C 145 18.60 7.94 34.65
C ASP C 145 17.26 7.68 35.37
N TYR C 146 16.17 8.19 34.79
CA TYR C 146 14.85 7.84 35.30
C TYR C 146 14.00 7.24 34.18
N PHE C 147 12.97 6.50 34.58
CA PHE C 147 11.94 6.10 33.63
C PHE C 147 10.63 5.79 34.37
N PRO C 148 9.41 6.01 33.81
CA PRO C 148 9.16 6.78 32.59
C PRO C 148 9.18 8.29 32.84
N GLU C 149 8.90 9.07 31.80
CA GLU C 149 8.67 10.49 32.00
C GLU C 149 7.31 10.67 32.68
N PRO C 150 7.05 11.79 33.40
CA PRO C 150 8.05 12.84 33.61
C PRO C 150 8.65 12.94 35.02
N VAL C 151 9.74 13.70 35.11
CA VAL C 151 10.15 14.30 36.37
C VAL C 151 9.73 15.78 36.41
N THR C 152 9.37 16.30 37.59
CA THR C 152 9.13 17.72 37.81
C THR C 152 10.25 18.31 38.69
N VAL C 153 10.58 19.57 38.43
CA VAL C 153 11.64 20.25 39.17
C VAL C 153 11.17 21.63 39.58
N SER C 154 11.38 21.98 40.86
CA SER C 154 11.23 23.36 41.30
C SER C 154 12.50 23.80 42.02
N TRP C 155 12.60 25.10 42.31
CA TRP C 155 13.70 25.57 43.14
C TRP C 155 13.14 26.24 44.40
N ASN C 156 13.79 25.95 45.53
CA ASN C 156 13.43 26.50 46.82
C ASN C 156 11.92 26.41 47.04
N SER C 157 11.36 25.22 46.79
CA SER C 157 9.95 24.95 46.94
C SER C 157 9.08 25.93 46.18
N GLY C 158 9.54 26.37 45.01
CA GLY C 158 8.69 27.15 44.12
C GLY C 158 8.81 28.65 44.39
N ALA C 159 9.66 29.02 45.37
CA ALA C 159 9.90 30.41 45.71
C ALA C 159 10.84 31.07 44.69
N LEU C 160 11.70 30.26 44.08
CA LEU C 160 12.58 30.74 43.03
C LEU C 160 12.13 30.19 41.68
N THR C 161 11.59 31.07 40.83
CA THR C 161 11.22 30.76 39.46
C THR C 161 11.88 31.70 38.47
N SER C 162 12.26 32.90 38.92
CA SER C 162 12.80 33.85 37.97
C SER C 162 14.18 33.38 37.46
N GLY C 163 14.37 33.37 36.13
CA GLY C 163 15.60 32.90 35.50
C GLY C 163 15.84 31.39 35.69
N VAL C 164 14.79 30.62 35.93
CA VAL C 164 14.92 29.16 35.97
C VAL C 164 14.71 28.64 34.56
N HIS C 165 15.51 27.66 34.15
CA HIS C 165 15.34 27.00 32.86
C HIS C 165 15.46 25.49 33.07
N THR C 166 14.35 24.77 32.90
CA THR C 166 14.33 23.33 32.98
C THR C 166 14.20 22.77 31.56
N PHE C 167 15.24 22.09 31.13
CA PHE C 167 15.36 21.68 29.75
C PHE C 167 14.53 20.41 29.51
N PRO C 168 14.11 20.18 28.24
CA PRO C 168 13.47 18.92 27.87
C PRO C 168 14.36 17.73 28.16
N ALA C 169 13.76 16.63 28.63
CA ALA C 169 14.50 15.42 28.94
C ALA C 169 15.14 14.90 27.66
N VAL C 170 16.16 14.06 27.78
CA VAL C 170 16.69 13.30 26.64
C VAL C 170 16.76 11.81 27.01
N LEU C 171 16.43 10.98 26.01
CA LEU C 171 16.52 9.54 26.11
C LEU C 171 17.98 9.15 25.87
N GLN C 172 18.60 8.54 26.89
CA GLN C 172 19.95 7.99 26.78
C GLN C 172 19.89 6.62 26.11
N SER C 173 21.04 6.17 25.59
CA SER C 173 21.14 4.90 24.93
C SER C 173 20.88 3.79 25.93
N SER C 174 21.01 4.09 27.22
CA SER C 174 20.54 3.18 28.27
C SER C 174 19.06 2.83 28.13
N GLY C 175 18.25 3.68 27.49
CA GLY C 175 16.79 3.61 27.61
C GLY C 175 16.25 4.46 28.76
N LEU C 176 17.15 5.12 29.51
CA LEU C 176 16.75 5.93 30.64
C LEU C 176 16.86 7.40 30.24
N TYR C 177 16.11 8.25 30.98
CA TYR C 177 16.04 9.67 30.65
C TYR C 177 16.99 10.49 31.54
N SER C 178 17.19 11.75 31.15
CA SER C 178 18.04 12.69 31.86
C SER C 178 17.64 14.13 31.51
N LEU C 179 17.49 15.02 32.51
CA LEU C 179 17.44 16.47 32.23
C LEU C 179 18.25 17.28 33.23
N SER C 180 18.53 18.52 32.82
CA SER C 180 19.11 19.58 33.63
C SER C 180 18.11 20.69 33.90
N SER C 181 18.06 21.17 35.16
CA SER C 181 17.45 22.45 35.50
C SER C 181 18.53 23.40 35.99
N VAL C 182 18.52 24.65 35.48
CA VAL C 182 19.48 25.68 35.82
C VAL C 182 18.75 26.97 36.20
N VAL C 183 19.45 27.83 36.92
CA VAL C 183 18.97 29.17 37.22
C VAL C 183 20.19 30.08 37.30
N THR C 184 20.00 31.33 36.87
CA THR C 184 21.00 32.37 37.02
C THR C 184 20.57 33.30 38.18
N VAL C 185 21.57 33.73 38.97
CA VAL C 185 21.34 34.45 40.23
C VAL C 185 22.43 35.54 40.34
N PRO C 186 22.20 36.61 41.15
CA PRO C 186 23.25 37.58 41.45
C PRO C 186 24.44 36.86 42.05
N SER C 187 25.65 37.13 41.58
CA SER C 187 26.82 36.48 42.14
C SER C 187 27.05 36.90 43.61
N SER C 188 26.57 38.09 44.01
CA SER C 188 26.68 38.51 45.39
C SER C 188 25.97 37.52 46.31
N SER C 189 24.93 36.85 45.80
CA SER C 189 24.07 35.96 46.56
C SER C 189 24.76 34.65 46.96
N LEU C 190 25.79 34.22 46.23
CA LEU C 190 26.38 32.91 46.50
C LEU C 190 27.01 32.92 47.88
N GLY C 191 26.91 31.77 48.56
CA GLY C 191 27.36 31.65 49.93
C GLY C 191 26.37 32.19 50.97
N THR C 192 25.47 33.11 50.55
CA THR C 192 24.46 33.70 51.43
C THR C 192 23.14 32.96 51.24
N GLN C 193 22.47 33.23 50.12
CA GLN C 193 21.22 32.59 49.75
C GLN C 193 21.47 31.09 49.61
N THR C 194 20.52 30.26 50.06
CA THR C 194 20.61 28.83 49.79
C THR C 194 19.78 28.49 48.55
N TYR C 195 20.28 27.53 47.76
CA TYR C 195 19.64 27.06 46.54
C TYR C 195 19.47 25.53 46.62
N ILE C 196 18.21 25.09 46.54
CA ILE C 196 17.83 23.70 46.67
C ILE C 196 16.93 23.35 45.48
N CYS C 197 17.21 22.28 44.75
CA CYS C 197 16.26 21.86 43.71
C CYS C 197 15.42 20.69 44.22
N ASN C 198 14.11 20.88 44.13
CA ASN C 198 13.11 19.90 44.54
C ASN C 198 12.74 19.12 43.29
N VAL C 199 13.13 17.85 43.27
CA VAL C 199 12.89 16.95 42.15
C VAL C 199 11.82 15.93 42.56
N ASN C 200 10.79 15.76 41.73
CA ASN C 200 9.75 14.79 41.94
C ASN C 200 9.60 13.83 40.78
N HIS C 201 9.67 12.52 41.04
CA HIS C 201 9.37 11.47 40.07
C HIS C 201 8.23 10.60 40.59
N LYS C 202 6.98 10.96 40.24
CA LYS C 202 5.83 10.34 40.85
C LYS C 202 5.79 8.84 40.59
N PRO C 203 6.07 8.35 39.36
CA PRO C 203 6.03 6.93 39.04
C PRO C 203 6.83 6.02 39.98
N SER C 204 8.00 6.48 40.47
CA SER C 204 8.79 5.71 41.44
C SER C 204 8.64 6.23 42.88
N ASN C 205 7.71 7.16 43.13
CA ASN C 205 7.62 7.85 44.41
C ASN C 205 9.00 8.33 44.88
N THR C 206 9.79 8.92 43.96
CA THR C 206 11.12 9.43 44.28
C THR C 206 11.04 10.95 44.42
N LYS C 207 11.50 11.45 45.58
CA LYS C 207 11.51 12.87 45.92
C LYS C 207 12.90 13.26 46.42
N VAL C 208 13.61 14.12 45.71
CA VAL C 208 14.94 14.53 46.17
C VAL C 208 14.94 16.06 46.26
N ASP C 209 15.31 16.60 47.45
CA ASP C 209 15.62 18.02 47.61
C ASP C 209 17.14 18.18 47.67
N LYS C 210 17.76 18.75 46.62
CA LYS C 210 19.22 18.79 46.52
C LYS C 210 19.79 20.21 46.65
N ARG C 211 20.62 20.42 47.68
CA ARG C 211 21.28 21.69 47.90
C ARG C 211 22.44 21.84 46.92
N VAL C 212 22.56 23.03 46.32
CA VAL C 212 23.62 23.32 45.38
C VAL C 212 24.45 24.47 45.93
N GLU C 213 25.74 24.21 46.20
CA GLU C 213 26.61 25.17 46.86
C GLU C 213 27.83 25.40 45.98
N PRO C 214 28.46 26.62 46.04
CA PRO C 214 29.73 26.85 45.35
C PRO C 214 30.77 25.91 45.96
N LYS C 215 31.73 25.44 45.14
CA LYS C 215 32.79 24.58 45.64
C LYS C 215 34.14 25.06 45.06
N ASP D 1 -1.89 11.36 -2.63
CA ASP D 1 -1.10 11.93 -3.75
C ASP D 1 -1.29 13.45 -3.88
N ILE D 2 -2.13 14.08 -3.05
CA ILE D 2 -2.06 15.52 -2.91
C ILE D 2 -1.03 15.88 -1.84
N VAL D 3 0.03 16.59 -2.28
CA VAL D 3 1.14 17.02 -1.47
C VAL D 3 0.89 18.45 -1.00
N MET D 4 1.17 18.74 0.26
CA MET D 4 0.95 20.07 0.81
C MET D 4 2.29 20.62 1.23
N THR D 5 2.66 21.82 0.76
CA THR D 5 3.93 22.42 1.10
C THR D 5 3.66 23.76 1.78
N GLN D 6 4.01 23.86 3.08
CA GLN D 6 3.86 25.10 3.83
C GLN D 6 5.15 25.90 3.77
N SER D 7 5.06 27.22 3.84
CA SER D 7 6.24 28.03 3.95
C SER D 7 5.92 29.31 4.73
N PRO D 8 6.87 29.85 5.51
CA PRO D 8 8.16 29.18 5.74
C PRO D 8 7.94 28.08 6.79
N ASP D 9 9.03 27.37 7.12
CA ASP D 9 9.06 26.37 8.19
C ASP D 9 8.95 27.02 9.55
N SER D 10 9.50 28.23 9.67
CA SER D 10 9.32 28.96 10.90
C SER D 10 9.36 30.44 10.60
N LEU D 11 8.74 31.21 11.50
CA LEU D 11 8.38 32.59 11.28
C LEU D 11 8.48 33.31 12.62
N ALA D 12 9.19 34.43 12.61
CA ALA D 12 9.38 35.27 13.78
C ALA D 12 8.61 36.57 13.53
N VAL D 13 7.69 36.94 14.41
CA VAL D 13 6.85 38.10 14.20
C VAL D 13 6.73 38.87 15.51
N SER D 14 6.65 40.21 15.41
CA SER D 14 6.70 41.04 16.61
C SER D 14 5.29 41.19 17.15
N LEU D 15 5.17 41.31 18.46
CA LEU D 15 3.88 41.55 19.08
C LEU D 15 3.18 42.69 18.36
N GLY D 16 1.89 42.53 18.01
CA GLY D 16 1.10 43.58 17.38
C GLY D 16 1.31 43.69 15.87
N GLU D 17 2.19 42.86 15.27
CA GLU D 17 2.38 42.90 13.83
C GLU D 17 1.69 41.71 13.15
N ARG D 18 1.70 41.74 11.82
CA ARG D 18 0.98 40.80 10.95
C ARG D 18 1.85 39.58 10.65
N ALA D 19 1.27 38.37 10.81
CA ALA D 19 1.95 37.14 10.42
C ALA D 19 1.24 36.54 9.21
N THR D 20 2.02 36.05 8.24
CA THR D 20 1.51 35.41 7.05
C THR D 20 2.19 34.06 6.89
N ILE D 21 1.40 32.99 6.76
CA ILE D 21 1.90 31.64 6.55
C ILE D 21 1.24 31.12 5.28
N ASN D 22 2.02 30.49 4.39
CA ASN D 22 1.51 30.03 3.12
C ASN D 22 1.43 28.50 3.07
N CYS D 23 0.54 28.02 2.20
CA CYS D 23 0.38 26.62 1.92
C CYS D 23 0.15 26.49 0.41
N LYS D 24 0.92 25.63 -0.25
CA LYS D 24 0.72 25.29 -1.66
C LYS D 24 0.35 23.81 -1.81
N SER D 25 -0.77 23.50 -2.45
CA SER D 25 -1.14 22.11 -2.68
C SER D 25 -0.72 21.72 -4.10
N SER D 26 -0.27 20.47 -4.28
CA SER D 26 0.25 20.00 -5.55
C SER D 26 -0.87 19.83 -6.57
N GLN D 27 -2.13 19.72 -6.10
CA GLN D 27 -3.29 19.71 -6.98
C GLN D 27 -4.32 20.61 -6.32
N SER D 28 -5.24 21.09 -7.15
CA SER D 28 -6.35 21.91 -6.69
C SER D 28 -7.18 21.15 -5.66
N VAL D 29 -7.62 21.87 -4.63
CA VAL D 29 -8.48 21.31 -3.60
C VAL D 29 -9.87 21.95 -3.67
N LEU D 30 -10.15 22.61 -4.80
CA LEU D 30 -11.44 23.24 -5.03
C LEU D 30 -12.32 22.19 -5.69
N TYR D 31 -13.51 21.95 -5.16
CA TYR D 31 -14.42 21.02 -5.80
C TYR D 31 -15.35 21.80 -6.70
N SER D 32 -15.41 21.41 -8.00
CA SER D 32 -15.96 22.29 -9.01
C SER D 32 -17.48 22.41 -8.88
N SER D 33 -18.15 21.32 -8.52
CA SER D 33 -19.58 21.26 -8.25
C SER D 33 -20.06 22.28 -7.24
N ASN D 34 -19.37 22.43 -6.12
CA ASN D 34 -19.87 23.29 -5.05
C ASN D 34 -18.95 24.48 -4.85
N GLN D 35 -17.85 24.57 -5.62
CA GLN D 35 -16.94 25.71 -5.64
C GLN D 35 -16.38 26.00 -4.24
N MET D 36 -16.32 25.00 -3.33
CA MET D 36 -15.64 25.14 -2.06
C MET D 36 -14.22 24.59 -2.13
N ASN D 37 -13.28 25.24 -1.42
CA ASN D 37 -11.95 24.72 -1.18
C ASN D 37 -11.91 23.82 0.05
N TYR D 38 -11.45 22.56 -0.12
CA TYR D 38 -11.41 21.58 0.94
C TYR D 38 -10.12 21.78 1.73
N LEU D 39 -10.03 22.92 2.42
CA LEU D 39 -8.79 23.32 3.06
C LEU D 39 -9.04 23.90 4.44
N ALA D 40 -8.25 23.43 5.41
CA ALA D 40 -8.38 23.92 6.77
C ALA D 40 -6.98 24.24 7.33
N TRP D 41 -6.99 25.08 8.35
CA TRP D 41 -5.83 25.46 9.13
C TRP D 41 -6.06 25.13 10.60
N TYR D 42 -4.99 24.64 11.24
CA TYR D 42 -4.97 24.22 12.63
C TYR D 42 -3.85 24.95 13.36
N GLN D 43 -4.10 25.17 14.66
CA GLN D 43 -3.11 25.63 15.61
C GLN D 43 -2.84 24.52 16.63
N GLN D 44 -1.55 24.28 16.94
CA GLN D 44 -1.22 23.27 17.93
C GLN D 44 -0.19 23.79 18.92
N LYS D 45 -0.50 23.67 20.20
CA LYS D 45 0.47 23.97 21.24
C LYS D 45 0.89 22.67 21.91
N PRO D 46 2.04 22.64 22.63
CA PRO D 46 2.58 21.39 23.19
C PRO D 46 1.60 20.70 24.12
N GLY D 47 1.51 19.36 24.06
CA GLY D 47 0.69 18.59 24.99
C GLY D 47 -0.79 18.61 24.64
N GLN D 48 -1.16 19.24 23.51
CA GLN D 48 -2.56 19.39 23.12
C GLN D 48 -2.80 18.86 21.70
N PRO D 49 -4.04 18.47 21.37
CA PRO D 49 -4.39 18.24 19.96
C PRO D 49 -4.44 19.55 19.15
N PRO D 50 -4.33 19.45 17.82
CA PRO D 50 -4.46 20.63 16.97
C PRO D 50 -5.87 21.18 17.17
N LYS D 51 -6.03 22.51 17.04
CA LYS D 51 -7.35 23.12 17.12
C LYS D 51 -7.71 23.78 15.78
N LEU D 52 -8.96 23.62 15.38
CA LEU D 52 -9.44 24.12 14.10
C LEU D 52 -9.62 25.63 14.17
N LEU D 53 -8.99 26.33 13.24
CA LEU D 53 -9.10 27.79 13.18
C LEU D 53 -10.02 28.19 12.05
N ILE D 54 -9.77 27.60 10.86
CA ILE D 54 -10.31 28.01 9.58
C ILE D 54 -10.61 26.74 8.78
N TYR D 55 -11.77 26.72 8.09
CA TYR D 55 -12.12 25.62 7.22
C TYR D 55 -12.82 26.19 5.97
N TRP D 56 -13.04 25.36 4.94
CA TRP D 56 -13.45 25.83 3.62
C TRP D 56 -12.58 27.01 3.17
N ALA D 57 -11.30 27.01 3.59
CA ALA D 57 -10.24 27.97 3.23
C ALA D 57 -10.36 29.31 3.94
N SER D 58 -11.61 29.80 4.20
CA SER D 58 -11.83 31.16 4.66
C SER D 58 -12.88 31.28 5.77
N THR D 59 -13.59 30.21 6.12
CA THR D 59 -14.58 30.30 7.18
C THR D 59 -13.91 30.04 8.53
N ARG D 60 -14.15 30.94 9.47
CA ARG D 60 -13.59 30.88 10.81
C ARG D 60 -14.46 30.02 11.71
N GLU D 61 -13.78 29.12 12.43
CA GLU D 61 -14.46 28.25 13.38
C GLU D 61 -14.95 29.14 14.52
N SER D 62 -16.09 28.78 15.12
CA SER D 62 -16.69 29.54 16.21
C SER D 62 -15.74 29.70 17.40
N GLY D 63 -15.66 30.93 17.93
CA GLY D 63 -14.86 31.17 19.11
C GLY D 63 -13.40 31.47 18.79
N VAL D 64 -12.96 31.22 17.55
CA VAL D 64 -11.64 31.62 17.13
C VAL D 64 -11.64 33.13 16.96
N PRO D 65 -10.61 33.85 17.47
CA PRO D 65 -10.52 35.29 17.32
C PRO D 65 -10.34 35.74 15.87
N ASP D 66 -11.05 36.82 15.58
CA ASP D 66 -11.19 37.33 14.23
C ASP D 66 -9.92 37.99 13.77
N ARG D 67 -8.84 37.95 14.56
CA ARG D 67 -7.54 38.31 14.01
C ARG D 67 -6.98 37.19 13.12
N PHE D 68 -7.53 35.96 13.23
CA PHE D 68 -7.13 34.88 12.34
C PHE D 68 -7.99 34.96 11.09
N SER D 69 -7.39 34.87 9.90
CA SER D 69 -8.23 34.66 8.73
C SER D 69 -7.47 33.89 7.64
N GLY D 70 -8.24 33.18 6.83
CA GLY D 70 -7.65 32.40 5.74
C GLY D 70 -8.13 32.95 4.41
N SER D 71 -7.30 32.77 3.36
CA SER D 71 -7.67 33.15 2.01
C SER D 71 -6.92 32.29 1.01
N GLY D 72 -7.22 32.51 -0.27
CA GLY D 72 -6.63 31.75 -1.36
C GLY D 72 -7.65 30.79 -1.97
N SER D 73 -7.26 30.10 -3.03
CA SER D 73 -8.19 29.22 -3.73
C SER D 73 -7.37 28.33 -4.65
N GLY D 74 -7.91 27.14 -4.94
CA GLY D 74 -7.23 26.20 -5.80
C GLY D 74 -6.05 25.53 -5.13
N THR D 75 -4.85 26.08 -5.38
CA THR D 75 -3.61 25.48 -4.93
C THR D 75 -2.83 26.36 -3.95
N ASP D 76 -3.24 27.63 -3.75
CA ASP D 76 -2.42 28.58 -3.01
C ASP D 76 -3.27 29.17 -1.89
N PHE D 77 -2.80 29.02 -0.64
CA PHE D 77 -3.57 29.49 0.50
C PHE D 77 -2.69 30.24 1.48
N THR D 78 -3.34 31.08 2.29
CA THR D 78 -2.63 31.92 3.25
C THR D 78 -3.41 31.95 4.56
N LEU D 79 -2.70 31.76 5.67
CA LEU D 79 -3.27 32.06 6.99
C LEU D 79 -2.65 33.38 7.46
N THR D 80 -3.50 34.31 7.86
CA THR D 80 -3.00 35.62 8.30
C THR D 80 -3.41 35.87 9.73
N ILE D 81 -2.44 36.26 10.56
CA ILE D 81 -2.73 36.81 11.88
C ILE D 81 -2.49 38.31 11.83
N SER D 82 -3.57 39.10 11.94
CA SER D 82 -3.52 40.53 11.65
C SER D 82 -2.66 41.24 12.67
N SER D 83 -2.78 40.85 13.95
CA SER D 83 -2.04 41.51 15.01
C SER D 83 -1.58 40.50 16.06
N LEU D 84 -0.31 40.06 15.99
CA LEU D 84 0.17 38.90 16.73
C LEU D 84 0.10 39.14 18.23
N GLN D 85 -0.63 38.30 18.96
CA GLN D 85 -0.61 38.30 20.42
C GLN D 85 0.25 37.15 20.93
N ALA D 86 0.64 37.22 22.20
CA ALA D 86 1.61 36.30 22.80
C ALA D 86 1.08 34.86 22.74
N GLU D 87 -0.22 34.69 22.96
CA GLU D 87 -0.86 33.39 23.00
C GLU D 87 -0.88 32.73 21.61
N ASP D 88 -0.51 33.45 20.55
CA ASP D 88 -0.52 32.91 19.21
C ASP D 88 0.76 32.14 18.86
N VAL D 89 1.77 32.18 19.72
CA VAL D 89 2.96 31.38 19.54
C VAL D 89 2.54 29.92 19.62
N ALA D 90 2.80 29.14 18.54
CA ALA D 90 2.31 27.79 18.33
C ALA D 90 2.85 27.30 16.99
N VAL D 91 2.57 26.03 16.66
CA VAL D 91 2.78 25.46 15.34
C VAL D 91 1.44 25.49 14.60
N TYR D 92 1.50 25.86 13.32
CA TYR D 92 0.33 25.95 12.45
C TYR D 92 0.46 24.95 11.32
N TYR D 93 -0.67 24.29 10.98
CA TYR D 93 -0.69 23.28 9.96
C TYR D 93 -1.85 23.54 9.04
N CYS D 94 -1.60 23.37 7.72
CA CYS D 94 -2.69 23.26 6.78
C CYS D 94 -2.99 21.78 6.56
N LEU D 95 -4.24 21.57 6.13
CA LEU D 95 -4.82 20.27 5.82
C LEU D 95 -5.69 20.41 4.58
N GLN D 96 -5.47 19.55 3.59
CA GLN D 96 -6.48 19.25 2.59
C GLN D 96 -7.22 17.96 2.96
N TYR D 97 -8.52 17.99 2.69
CA TYR D 97 -9.44 16.92 2.97
C TYR D 97 -10.34 16.70 1.76
N LEU D 98 -9.91 17.06 0.55
CA LEU D 98 -10.66 16.74 -0.64
C LEU D 98 -10.57 15.24 -0.91
N SER D 99 -9.36 14.75 -0.84
CA SER D 99 -9.06 13.43 -1.31
C SER D 99 -8.16 12.80 -0.26
N SER D 100 -8.75 12.05 0.66
CA SER D 100 -8.05 11.65 1.89
C SER D 100 -7.75 12.91 2.70
N TRP D 101 -6.79 12.81 3.64
CA TRP D 101 -6.22 13.93 4.36
C TRP D 101 -4.72 14.01 4.04
N THR D 102 -4.24 15.23 3.84
CA THR D 102 -2.82 15.51 3.87
C THR D 102 -2.56 16.77 4.66
N PHE D 103 -1.61 16.67 5.60
CA PHE D 103 -1.22 17.82 6.39
C PHE D 103 0.04 18.43 5.79
N GLY D 104 0.14 19.76 5.79
CA GLY D 104 1.42 20.43 5.61
C GLY D 104 2.40 20.03 6.72
N GLY D 105 3.67 20.36 6.50
CA GLY D 105 4.77 20.03 7.41
C GLY D 105 4.72 20.86 8.69
N GLY D 106 3.94 21.95 8.68
CA GLY D 106 3.83 22.81 9.86
C GLY D 106 4.72 24.04 9.79
N THR D 107 4.29 25.12 10.44
CA THR D 107 5.08 26.34 10.59
C THR D 107 5.11 26.77 12.06
N LYS D 108 6.32 26.81 12.62
CA LYS D 108 6.52 27.25 13.99
C LYS D 108 6.50 28.78 14.03
N LEU D 109 5.55 29.36 14.76
CA LEU D 109 5.48 30.81 14.89
C LEU D 109 6.04 31.20 16.26
N GLU D 110 7.07 32.08 16.26
CA GLU D 110 7.73 32.60 17.45
C GLU D 110 7.67 34.13 17.48
N ILE D 111 8.00 34.75 18.63
CA ILE D 111 8.01 36.20 18.74
C ILE D 111 9.39 36.73 18.35
N LYS D 112 9.38 37.79 17.54
CA LYS D 112 10.64 38.42 17.13
C LYS D 112 11.06 39.42 18.20
N ARG D 113 12.35 39.37 18.58
CA ARG D 113 12.99 40.36 19.45
C ARG D 113 14.38 40.66 18.85
N THR D 114 15.20 41.47 19.54
CA THR D 114 16.54 41.79 19.07
C THR D 114 17.49 40.64 19.35
N VAL D 115 18.64 40.67 18.68
CA VAL D 115 19.65 39.64 18.88
C VAL D 115 20.15 39.76 20.33
N ALA D 116 20.62 38.64 20.87
CA ALA D 116 21.14 38.55 22.23
C ALA D 116 22.09 37.37 22.32
N ALA D 117 23.35 37.63 22.65
CA ALA D 117 24.32 36.55 22.64
C ALA D 117 24.07 35.68 23.86
N PRO D 118 24.54 34.41 23.83
CA PRO D 118 24.43 33.55 24.99
C PRO D 118 25.46 33.95 26.06
N SER D 119 25.03 33.97 27.33
CA SER D 119 25.95 33.81 28.44
C SER D 119 26.32 32.33 28.55
N VAL D 120 27.61 32.01 28.58
CA VAL D 120 28.02 30.61 28.56
C VAL D 120 28.59 30.27 29.93
N PHE D 121 28.41 29.00 30.35
CA PHE D 121 28.86 28.50 31.64
C PHE D 121 29.22 27.02 31.48
N ILE D 122 30.31 26.52 32.09
CA ILE D 122 30.55 25.07 32.16
C ILE D 122 30.44 24.57 33.60
N PHE D 123 30.07 23.29 33.72
CA PHE D 123 29.96 22.60 34.98
C PHE D 123 30.71 21.27 34.90
N PRO D 124 31.82 21.13 35.66
CA PRO D 124 32.43 19.82 35.86
C PRO D 124 31.50 18.82 36.52
N PRO D 125 31.77 17.50 36.41
CA PRO D 125 30.97 16.52 37.14
C PRO D 125 31.18 16.63 38.65
N SER D 126 30.16 16.23 39.41
CA SER D 126 30.22 16.24 40.86
C SER D 126 31.03 15.03 41.35
N ASP D 127 31.59 15.16 42.55
CA ASP D 127 32.26 14.04 43.19
C ASP D 127 31.22 12.94 43.46
N GLU D 128 29.98 13.32 43.84
CA GLU D 128 28.92 12.36 44.08
C GLU D 128 28.76 11.43 42.88
N GLN D 129 28.68 12.03 41.68
CA GLN D 129 28.42 11.24 40.49
C GLN D 129 29.63 10.36 40.15
N LEU D 130 30.84 10.94 40.19
CA LEU D 130 32.07 10.22 39.88
C LEU D 130 32.19 8.95 40.71
N LYS D 131 31.64 8.97 41.94
CA LYS D 131 31.69 7.83 42.85
C LYS D 131 30.98 6.60 42.28
N SER D 132 29.93 6.78 41.46
CA SER D 132 29.21 5.65 40.89
C SER D 132 29.73 5.33 39.49
N GLY D 133 30.79 6.03 39.05
CA GLY D 133 31.66 5.55 37.98
C GLY D 133 31.28 6.10 36.61
N THR D 134 30.53 7.20 36.59
CA THR D 134 30.24 7.89 35.35
C THR D 134 30.46 9.37 35.59
N ALA D 135 30.62 10.11 34.49
CA ALA D 135 30.95 11.52 34.57
C ALA D 135 30.15 12.27 33.51
N SER D 136 29.29 13.19 33.96
CA SER D 136 28.54 14.06 33.05
C SER D 136 29.09 15.48 33.17
N VAL D 137 29.60 16.00 32.05
CA VAL D 137 30.06 17.37 31.98
C VAL D 137 28.96 18.15 31.26
N VAL D 138 28.61 19.36 31.75
CA VAL D 138 27.51 20.12 31.18
C VAL D 138 27.96 21.52 30.80
N CYS D 139 27.48 21.98 29.65
CA CYS D 139 27.61 23.37 29.21
C CYS D 139 26.22 23.99 29.09
N LEU D 140 26.12 25.31 29.35
CA LEU D 140 24.87 26.05 29.33
C LEU D 140 25.03 27.28 28.47
N LEU D 141 24.10 27.49 27.54
CA LEU D 141 24.03 28.70 26.73
C LEU D 141 22.74 29.44 27.11
N ASN D 142 22.85 30.64 27.71
CA ASN D 142 21.72 31.17 28.44
C ASN D 142 21.19 32.45 27.79
N ASN D 143 19.86 32.47 27.59
CA ASN D 143 19.11 33.65 27.17
C ASN D 143 19.68 34.23 25.88
N PHE D 144 19.56 33.48 24.77
CA PHE D 144 20.05 33.96 23.49
C PHE D 144 18.93 34.12 22.47
N TYR D 145 19.12 35.08 21.56
CA TYR D 145 18.23 35.15 20.41
C TYR D 145 19.05 35.43 19.16
N PRO D 146 18.98 34.56 18.11
CA PRO D 146 17.94 33.54 17.98
C PRO D 146 18.43 32.11 18.23
N ARG D 147 17.61 31.15 17.81
CA ARG D 147 17.66 29.80 18.35
C ARG D 147 18.91 29.04 17.89
N GLU D 148 19.66 29.61 16.95
CA GLU D 148 20.63 28.87 16.15
C GLU D 148 21.97 28.86 16.87
N ALA D 149 22.39 27.68 17.36
CA ALA D 149 23.58 27.55 18.19
C ALA D 149 24.26 26.20 18.00
N LYS D 150 25.59 26.18 18.17
CA LYS D 150 26.39 24.98 18.09
C LYS D 150 27.33 24.87 19.30
N VAL D 151 27.41 23.64 19.81
CA VAL D 151 28.29 23.31 20.92
C VAL D 151 29.29 22.25 20.44
N GLN D 152 30.58 22.49 20.71
CA GLN D 152 31.63 21.49 20.50
C GLN D 152 32.43 21.26 21.79
N TRP D 153 32.43 19.98 22.21
CA TRP D 153 33.27 19.47 23.28
C TRP D 153 34.66 19.09 22.75
N LYS D 154 35.68 19.65 23.39
CA LYS D 154 37.06 19.20 23.24
C LYS D 154 37.55 18.69 24.60
N VAL D 155 38.15 17.50 24.55
CA VAL D 155 38.82 16.89 25.69
C VAL D 155 40.32 16.88 25.37
N ASP D 156 41.11 17.68 26.10
CA ASP D 156 42.52 17.94 25.81
C ASP D 156 42.67 18.42 24.36
N ASN D 157 41.73 19.25 23.90
CA ASN D 157 41.77 19.92 22.60
C ASN D 157 41.32 19.02 21.45
N ALA D 158 40.93 17.76 21.71
CA ALA D 158 40.31 16.90 20.70
C ALA D 158 38.79 17.10 20.68
N LEU D 159 38.26 17.50 19.52
CA LEU D 159 36.82 17.59 19.32
C LEU D 159 36.20 16.20 19.48
N GLN D 160 35.09 16.13 20.25
CA GLN D 160 34.42 14.88 20.56
C GLN D 160 33.24 14.65 19.60
N SER D 161 32.66 13.44 19.68
CA SER D 161 31.66 12.98 18.72
C SER D 161 30.89 11.78 19.29
N GLY D 162 29.56 11.84 19.20
CA GLY D 162 28.71 10.70 19.53
C GLY D 162 28.78 10.30 21.00
N ASN D 163 29.15 11.24 21.89
CA ASN D 163 29.11 11.02 23.33
C ASN D 163 28.46 12.21 24.06
N SER D 164 27.73 13.06 23.31
CA SER D 164 26.99 14.16 23.90
C SER D 164 25.51 14.15 23.47
N GLN D 165 24.65 14.77 24.28
CA GLN D 165 23.23 14.96 23.95
C GLN D 165 22.85 16.38 24.35
N GLU D 166 21.99 17.00 23.54
CA GLU D 166 21.63 18.41 23.70
C GLU D 166 20.14 18.52 24.00
N SER D 167 19.74 19.67 24.59
CA SER D 167 18.38 20.00 24.91
C SER D 167 18.19 21.49 24.63
N VAL D 168 16.98 21.91 24.25
CA VAL D 168 16.73 23.33 24.03
C VAL D 168 15.35 23.70 24.58
N THR D 169 15.31 24.84 25.28
CA THR D 169 14.07 25.33 25.85
C THR D 169 13.21 25.94 24.74
N GLU D 170 11.92 25.99 25.02
CA GLU D 170 10.99 26.80 24.28
C GLU D 170 11.27 28.27 24.58
N GLN D 171 10.86 29.14 23.66
CA GLN D 171 10.96 30.59 23.82
C GLN D 171 10.38 31.00 25.19
N ASP D 172 11.21 31.67 25.98
CA ASP D 172 10.82 32.21 27.26
C ASP D 172 9.64 33.19 27.11
N SER D 173 8.62 32.99 27.94
CA SER D 173 7.42 33.82 27.84
C SER D 173 7.69 35.26 28.28
N LYS D 174 8.77 35.51 29.02
CA LYS D 174 9.03 36.84 29.53
C LYS D 174 9.90 37.65 28.56
N ASP D 175 11.07 37.13 28.15
CA ASP D 175 12.04 37.92 27.40
C ASP D 175 12.24 37.39 25.96
N SER D 176 11.51 36.33 25.59
CA SER D 176 11.48 35.83 24.22
C SER D 176 12.83 35.28 23.76
N THR D 177 13.64 34.77 24.68
CA THR D 177 14.95 34.20 24.40
C THR D 177 14.87 32.69 24.50
N TYR D 178 15.99 32.03 24.14
CA TYR D 178 16.17 30.60 24.21
C TYR D 178 17.37 30.29 25.09
N SER D 179 17.40 29.06 25.61
CA SER D 179 18.59 28.56 26.28
C SER D 179 18.85 27.14 25.78
N LEU D 180 20.06 26.65 26.00
CA LEU D 180 20.46 25.33 25.53
C LEU D 180 21.46 24.68 26.50
N SER D 181 21.23 23.40 26.84
CA SER D 181 22.19 22.61 27.61
C SER D 181 22.68 21.41 26.80
N SER D 182 23.96 21.05 27.01
CA SER D 182 24.58 19.88 26.41
C SER D 182 25.29 19.06 27.47
N THR D 183 25.21 17.73 27.34
CA THR D 183 25.76 16.79 28.30
C THR D 183 26.74 15.86 27.57
N LEU D 184 28.01 15.92 27.96
CA LEU D 184 29.03 14.99 27.51
C LEU D 184 29.17 13.89 28.57
N THR D 185 28.91 12.65 28.18
CA THR D 185 28.92 11.55 29.15
C THR D 185 30.13 10.67 28.85
N LEU D 186 31.08 10.61 29.80
CA LEU D 186 32.20 9.67 29.79
C LEU D 186 32.07 8.73 30.99
N SER D 187 32.70 7.55 30.92
CA SER D 187 32.89 6.76 32.12
C SER D 187 33.95 7.44 32.99
N LYS D 188 33.94 7.14 34.29
CA LYS D 188 34.92 7.71 35.21
C LYS D 188 36.34 7.41 34.68
N ALA D 189 36.60 6.13 34.36
CA ALA D 189 37.88 5.67 33.83
C ALA D 189 38.30 6.56 32.64
N ASP D 190 37.39 6.71 31.66
CA ASP D 190 37.59 7.59 30.53
C ASP D 190 37.91 9.01 31.01
N TYR D 191 37.12 9.52 31.95
CA TYR D 191 37.21 10.91 32.39
C TYR D 191 38.57 11.19 33.01
N GLU D 192 39.09 10.21 33.77
CA GLU D 192 40.32 10.37 34.55
C GLU D 192 41.56 10.33 33.66
N LYS D 193 41.41 9.94 32.39
CA LYS D 193 42.51 9.90 31.42
C LYS D 193 42.88 11.29 30.91
N HIS D 194 41.98 12.28 31.05
CA HIS D 194 42.10 13.52 30.31
C HIS D 194 42.08 14.68 31.30
N LYS D 195 42.54 15.86 30.85
CA LYS D 195 42.87 16.94 31.78
C LYS D 195 42.02 18.18 31.54
N LEU D 196 42.11 18.77 30.34
CA LEU D 196 41.32 19.93 30.00
C LEU D 196 39.95 19.51 29.42
N TYR D 197 38.87 20.09 29.97
CA TYR D 197 37.55 19.93 29.38
C TYR D 197 37.04 21.31 28.99
N ALA D 198 36.46 21.43 27.78
CA ALA D 198 36.09 22.73 27.21
C ALA D 198 34.78 22.69 26.41
N CYS D 199 34.05 23.81 26.45
CA CYS D 199 32.79 23.99 25.74
C CYS D 199 32.95 25.15 24.76
N GLU D 200 32.81 24.85 23.46
CA GLU D 200 33.00 25.81 22.38
C GLU D 200 31.68 26.19 21.70
N VAL D 201 31.39 27.49 21.58
CA VAL D 201 30.04 27.95 21.29
C VAL D 201 29.98 28.94 20.13
N THR D 202 29.19 28.56 19.11
CA THR D 202 28.91 29.34 17.91
C THR D 202 27.48 29.87 17.94
N HIS D 203 27.34 31.21 17.90
CA HIS D 203 26.06 31.84 17.73
C HIS D 203 26.25 33.22 17.10
N GLN D 204 25.19 33.62 16.37
CA GLN D 204 25.10 34.79 15.50
C GLN D 204 25.49 36.11 16.19
N GLY D 205 25.48 36.15 17.53
CA GLY D 205 25.62 37.41 18.23
C GLY D 205 26.99 37.47 18.91
N LEU D 206 27.82 36.47 18.57
CA LEU D 206 29.20 36.32 19.06
C LEU D 206 30.18 36.68 17.95
N SER D 207 31.08 37.63 18.22
CA SER D 207 32.19 37.93 17.33
C SER D 207 32.96 36.63 16.96
N SER D 208 33.32 35.81 17.97
CA SER D 208 34.09 34.59 17.74
C SER D 208 33.62 33.47 18.68
N PRO D 209 33.97 32.18 18.44
CA PRO D 209 33.54 31.06 19.28
C PRO D 209 34.05 31.11 20.73
N VAL D 210 33.16 31.47 21.67
CA VAL D 210 33.50 31.54 23.09
C VAL D 210 33.74 30.11 23.63
N THR D 211 34.76 30.01 24.48
CA THR D 211 35.07 28.77 25.16
C THR D 211 35.05 29.00 26.68
N LYS D 212 34.72 27.93 27.40
CA LYS D 212 34.74 27.92 28.84
C LYS D 212 35.26 26.55 29.23
N SER D 213 36.23 26.51 30.15
CA SER D 213 36.87 25.24 30.45
C SER D 213 37.37 25.21 31.88
N PHE D 214 37.79 24.01 32.26
CA PHE D 214 38.31 23.71 33.59
C PHE D 214 39.27 22.53 33.43
N ASN D 215 40.08 22.27 34.48
CA ASN D 215 40.98 21.15 34.49
C ASN D 215 40.56 20.19 35.59
N ARG D 216 40.64 18.88 35.31
CA ARG D 216 39.95 17.85 36.08
C ARG D 216 40.13 18.01 37.60
#